data_8XEF
#
_entry.id   8XEF
#
_cell.length_a   1.00
_cell.length_b   1.00
_cell.length_c   1.00
_cell.angle_alpha   90.00
_cell.angle_beta   90.00
_cell.angle_gamma   90.00
#
_symmetry.space_group_name_H-M   'P 1'
#
loop_
_entity.id
_entity.type
_entity.pdbx_description
1 polymer "Spike protein S2'"
2 polymer 'GC2050 light chain'
3 polymer 'GC2050 heavy chain'
4 polymer 'GC2225 heavy chain'
5 polymer 'GC2225 light chain'
#
loop_
_entity_poly.entity_id
_entity_poly.type
_entity_poly.pdbx_seq_one_letter_code
_entity_poly.pdbx_strand_id
1 'polypeptide(L)'
;NLCPFHEVFNATTFASVYAWNRKRISNCVADYSVIYNFAPFFAFKCYGVSPTKLNDLCFTNVYADSFVIRGNEVSQIAPG
QTGNIADYNYKLPDDFTGCVIAWNSNKLDSKPSGNYNYLYRLFRKSKLKPFERDISTEIYQAGNKPCNGVAGSNCYSPLQ
SYGFRPTYGVGHQPYRVVVLSFELLHAPATVCGPK
;
A
2 'polypeptide(L)'
;VQLQESGPGLLKPSQTLSLTCSVSGGSVSSTTYYWSWIRQHPGKGLEWIGYILYNWNSSYNPSLKSRVTISIDTSKNQFS
LRLSSVTAADTAVYYCAGFGDYGGNSFWFDPWGQGTLVTVSS
;
B
3 'polypeptide(L)'
;LTQPPSVSVAPGKTARITCGGNNIGSKSVHWYQQKPGQAPALVIYYDSDRPSGIPERFSGSNSGNTATLTISRVEAGDEA
DYYCQVWDSSSDHPIFGTGTKVTVL
;
C
4 'polypeptide(L)'
;QVQLVQSGAEVKRPGSSVKVSCKASGGPFRKYAISWVRQAPGQGLEWMGSNIPVFEATHYAPKFQGRVTITADDSTSTAY
MELSSLRSEDTAVYYCARGETVVATATLDYWGQGTLVTVSS
;
D
5 'polypeptide(L)'
;DIQMTQSPSSLSASVGDRVTIRCQASQDITNYLNWYQQKPGKAPKLLIFDASNLATGVPSRFSGSGSGTDFTFTISSLQA
EDIATYFCQQYDDPLTFGGGTKVEIQ
;
E
#
# COMPACT_ATOMS: atom_id res chain seq x y z
N ASN A 1 37.35 13.99 -26.68
CA ASN A 1 36.06 14.61 -26.39
C ASN A 1 35.53 14.25 -25.01
N LEU A 2 34.61 15.05 -24.48
CA LEU A 2 34.01 14.79 -23.19
C LEU A 2 32.89 13.76 -23.34
N CYS A 3 32.31 13.36 -22.22
CA CYS A 3 31.17 12.46 -22.23
C CYS A 3 30.12 12.93 -21.24
N PRO A 4 28.83 12.65 -21.51
CA PRO A 4 27.79 12.93 -20.53
C PRO A 4 27.89 12.01 -19.32
N PHE A 5 28.93 12.22 -18.50
CA PHE A 5 29.36 11.18 -17.60
C PHE A 5 28.45 11.13 -16.36
N HIS A 6 28.31 12.27 -15.66
CA HIS A 6 27.26 12.44 -14.66
C HIS A 6 26.38 13.66 -14.90
N GLU A 7 26.32 14.19 -16.11
CA GLU A 7 25.22 15.11 -16.37
C GLU A 7 23.90 14.36 -16.53
N VAL A 8 23.97 13.03 -16.69
CA VAL A 8 22.80 12.16 -16.66
C VAL A 8 22.06 12.24 -15.34
N PHE A 9 22.73 12.68 -14.27
CA PHE A 9 22.02 12.89 -13.00
C PHE A 9 21.03 14.03 -13.11
N ASN A 10 21.29 14.98 -14.00
CA ASN A 10 20.35 16.07 -14.30
C ASN A 10 19.30 15.60 -15.30
N ALA A 11 18.52 14.60 -14.88
CA ALA A 11 17.46 14.03 -15.69
C ALA A 11 16.20 13.94 -14.86
N THR A 12 15.06 13.83 -15.56
CA THR A 12 13.77 13.83 -14.87
C THR A 12 13.54 12.54 -14.11
N THR A 13 13.56 11.40 -14.80
CA THR A 13 13.22 10.12 -14.19
C THR A 13 14.31 9.10 -14.49
N PHE A 14 14.72 8.37 -13.46
CA PHE A 14 15.59 7.21 -13.67
C PHE A 14 14.79 5.93 -13.80
N ALA A 15 13.76 5.96 -14.65
CA ALA A 15 12.85 4.86 -14.94
C ALA A 15 12.36 4.14 -13.69
N SER A 16 12.66 2.85 -13.60
CA SER A 16 12.34 2.03 -12.44
C SER A 16 13.38 0.92 -12.36
N VAL A 17 13.08 -0.14 -11.60
CA VAL A 17 14.00 -1.27 -11.51
C VAL A 17 14.09 -2.00 -12.84
N TYR A 18 13.06 -1.93 -13.67
CA TYR A 18 13.03 -2.58 -14.97
C TYR A 18 14.11 -2.05 -15.91
N ALA A 19 13.96 -0.79 -16.31
CA ALA A 19 14.89 -0.18 -17.22
C ALA A 19 15.99 0.52 -16.42
N TRP A 20 17.23 0.23 -16.77
CA TRP A 20 18.36 0.69 -15.98
C TRP A 20 18.97 1.97 -16.51
N ASN A 21 18.47 2.48 -17.64
CA ASN A 21 19.01 3.65 -18.33
C ASN A 21 20.50 3.47 -18.61
N ARG A 22 20.83 2.28 -19.11
CA ARG A 22 22.19 1.88 -19.44
C ARG A 22 22.79 2.83 -20.47
N LYS A 23 24.01 3.30 -20.20
CA LYS A 23 24.63 4.24 -21.11
C LYS A 23 25.75 3.58 -21.92
N ARG A 24 26.69 2.93 -21.24
CA ARG A 24 27.68 2.05 -21.86
C ARG A 24 28.57 2.77 -22.88
N ILE A 25 29.25 3.82 -22.44
CA ILE A 25 30.17 4.52 -23.33
C ILE A 25 31.45 3.69 -23.52
N SER A 26 32.23 4.07 -24.53
CA SER A 26 33.48 3.39 -24.86
C SER A 26 34.69 4.30 -24.74
N ASN A 27 34.59 5.55 -25.21
CA ASN A 27 35.69 6.49 -25.15
C ASN A 27 35.17 7.90 -24.95
N CYS A 28 35.74 8.62 -23.98
CA CYS A 28 35.43 10.02 -23.77
C CYS A 28 36.59 10.63 -22.98
N VAL A 29 36.35 11.78 -22.37
CA VAL A 29 37.21 12.33 -21.33
C VAL A 29 36.36 12.53 -20.08
N ALA A 30 36.81 11.96 -18.96
CA ALA A 30 36.11 12.12 -17.69
C ALA A 30 37.10 11.94 -16.56
N ASP A 31 36.84 12.61 -15.44
CA ASP A 31 37.75 12.58 -14.30
C ASP A 31 36.95 12.78 -13.02
N TYR A 32 37.68 12.91 -11.89
CA TYR A 32 37.05 12.89 -10.57
C TYR A 32 36.19 14.12 -10.29
N SER A 33 36.44 15.23 -10.98
CA SER A 33 35.62 16.42 -10.79
C SER A 33 34.18 16.19 -11.23
N VAL A 34 33.98 15.34 -12.26
CA VAL A 34 32.64 15.03 -12.72
C VAL A 34 31.89 14.23 -11.66
N ILE A 35 32.60 13.37 -10.93
CA ILE A 35 32.03 12.74 -9.75
C ILE A 35 31.71 13.78 -8.69
N TYR A 36 32.67 14.66 -8.40
CA TYR A 36 32.59 15.55 -7.25
C TYR A 36 31.85 16.84 -7.55
N ASN A 37 31.09 16.90 -8.65
CA ASN A 37 30.28 18.08 -8.92
C ASN A 37 29.13 18.20 -7.93
N PHE A 38 28.61 17.08 -7.45
CA PHE A 38 27.42 17.05 -6.61
C PHE A 38 27.81 16.65 -5.20
N ALA A 39 27.44 17.51 -4.22
CA ALA A 39 27.89 17.28 -2.85
C ALA A 39 27.20 16.12 -2.14
N PRO A 40 25.86 16.12 -1.97
CA PRO A 40 25.27 15.18 -0.99
C PRO A 40 25.31 13.73 -1.45
N PHE A 41 26.06 12.92 -0.73
CA PHE A 41 26.23 11.50 -1.03
C PHE A 41 25.73 10.68 0.16
N PHE A 42 25.21 9.50 -0.13
CA PHE A 42 24.76 8.60 0.92
C PHE A 42 25.59 7.33 1.00
N ALA A 43 25.92 6.72 -0.12
CA ALA A 43 26.70 5.49 -0.18
C ALA A 43 27.82 5.62 -1.21
N PHE A 44 28.58 6.72 -1.09
CA PHE A 44 29.71 6.97 -1.98
C PHE A 44 30.81 5.92 -1.84
N LYS A 45 30.85 5.19 -0.73
CA LYS A 45 31.86 4.15 -0.56
C LYS A 45 31.60 3.03 -1.55
N CYS A 46 32.69 2.48 -2.09
CA CYS A 46 32.63 1.49 -3.15
C CYS A 46 33.48 0.29 -2.79
N TYR A 47 33.04 -0.89 -3.23
CA TYR A 47 33.64 -2.14 -2.80
C TYR A 47 34.83 -2.57 -3.64
N GLY A 48 34.89 -2.18 -4.91
CA GLY A 48 35.93 -2.68 -5.78
C GLY A 48 37.31 -2.12 -5.54
N VAL A 49 37.50 -0.84 -5.84
CA VAL A 49 38.79 -0.15 -5.72
C VAL A 49 38.53 1.21 -5.11
N SER A 50 39.34 1.59 -4.12
CA SER A 50 39.11 2.80 -3.35
C SER A 50 39.16 4.04 -4.23
N PRO A 51 38.24 5.00 -4.04
CA PRO A 51 38.20 6.18 -4.90
C PRO A 51 39.28 7.21 -4.61
N THR A 52 40.13 6.98 -3.62
CA THR A 52 41.26 7.88 -3.40
C THR A 52 42.32 7.75 -4.49
N LYS A 53 42.25 6.71 -5.32
CA LYS A 53 43.20 6.50 -6.40
C LYS A 53 42.52 6.22 -7.73
N LEU A 54 41.29 6.72 -7.92
CA LEU A 54 40.56 6.42 -9.14
C LEU A 54 41.16 7.09 -10.37
N ASN A 55 42.04 8.08 -10.18
CA ASN A 55 42.73 8.70 -11.30
C ASN A 55 43.65 7.70 -12.00
N ASP A 56 43.76 7.87 -13.33
CA ASP A 56 44.56 7.03 -14.22
C ASP A 56 44.15 5.56 -14.18
N LEU A 57 42.93 5.27 -13.74
CA LEU A 57 42.40 3.90 -13.74
C LEU A 57 41.53 3.77 -14.98
N CYS A 58 42.16 3.37 -16.08
CA CYS A 58 41.57 3.43 -17.41
C CYS A 58 41.16 2.01 -17.82
N PHE A 59 39.86 1.79 -17.96
CA PHE A 59 39.30 0.47 -18.23
C PHE A 59 38.29 0.59 -19.36
N THR A 60 38.44 -0.26 -20.38
CA THR A 60 37.75 -0.04 -21.66
C THR A 60 36.28 -0.47 -21.66
N ASN A 61 35.55 -0.05 -20.63
CA ASN A 61 34.11 -0.20 -20.48
C ASN A 61 33.71 0.52 -19.21
N VAL A 62 32.46 0.99 -19.15
CA VAL A 62 31.91 1.58 -17.94
C VAL A 62 30.78 0.73 -17.37
N TYR A 63 29.91 0.20 -18.24
CA TYR A 63 28.73 -0.60 -17.87
C TYR A 63 27.90 0.10 -16.80
N ALA A 64 27.79 1.42 -16.93
CA ALA A 64 27.29 2.28 -15.87
C ALA A 64 25.83 2.59 -16.07
N ASP A 65 25.06 2.46 -14.99
CA ASP A 65 23.61 2.66 -15.06
C ASP A 65 23.04 2.90 -13.67
N SER A 66 21.83 3.45 -13.64
CA SER A 66 21.26 4.00 -12.42
C SER A 66 19.78 3.67 -12.32
N PHE A 67 19.26 3.72 -11.10
CA PHE A 67 17.83 3.56 -10.87
C PHE A 67 17.49 4.21 -9.52
N VAL A 68 16.29 3.92 -9.04
CA VAL A 68 15.75 4.53 -7.83
C VAL A 68 15.30 3.43 -6.87
N ILE A 69 15.65 3.58 -5.59
CA ILE A 69 15.40 2.60 -4.56
C ILE A 69 14.81 3.34 -3.36
N ARG A 70 13.93 2.65 -2.63
CA ARG A 70 13.43 3.16 -1.36
C ARG A 70 14.56 3.33 -0.35
N GLY A 71 14.40 4.32 0.53
CA GLY A 71 15.43 4.65 1.50
C GLY A 71 15.59 3.66 2.63
N ASN A 72 14.58 2.82 2.88
CA ASN A 72 14.69 1.80 3.92
C ASN A 72 15.79 0.81 3.58
N GLU A 73 15.90 0.44 2.31
CA GLU A 73 16.83 -0.58 1.86
C GLU A 73 17.87 0.09 0.96
N VAL A 74 19.09 0.21 1.47
CA VAL A 74 20.19 0.80 0.70
C VAL A 74 21.36 -0.17 0.70
N SER A 75 21.47 -0.97 1.75
CA SER A 75 22.65 -1.78 1.96
C SER A 75 22.70 -3.01 1.06
N GLN A 76 21.58 -3.38 0.44
CA GLN A 76 21.55 -4.57 -0.41
C GLN A 76 22.20 -4.35 -1.76
N ILE A 77 22.54 -3.10 -2.10
CA ILE A 77 23.23 -2.80 -3.34
C ILE A 77 24.62 -3.42 -3.36
N ALA A 78 25.19 -3.68 -2.18
CA ALA A 78 26.42 -4.42 -1.94
C ALA A 78 26.39 -5.79 -2.61
N PRO A 79 27.54 -6.41 -2.89
CA PRO A 79 27.51 -7.75 -3.51
C PRO A 79 27.13 -8.82 -2.50
N GLY A 80 26.15 -9.64 -2.89
CA GLY A 80 25.85 -10.88 -2.18
C GLY A 80 25.25 -10.75 -0.80
N GLN A 81 24.03 -10.24 -0.71
CA GLN A 81 23.28 -10.21 0.55
C GLN A 81 21.84 -10.63 0.29
N THR A 82 21.02 -10.58 1.34
CA THR A 82 19.61 -10.92 1.27
C THR A 82 18.79 -9.63 1.20
N GLY A 83 17.95 -9.53 0.18
CA GLY A 83 17.11 -8.37 0.00
C GLY A 83 16.28 -8.50 -1.26
N ASN A 84 15.00 -8.09 -1.19
CA ASN A 84 14.10 -8.25 -2.33
C ASN A 84 14.58 -7.47 -3.54
N ILE A 85 15.18 -6.30 -3.34
CA ILE A 85 15.77 -5.57 -4.45
C ILE A 85 16.99 -6.31 -4.98
N ALA A 86 17.69 -7.04 -4.11
CA ALA A 86 18.94 -7.69 -4.46
C ALA A 86 18.81 -9.20 -4.58
N ASP A 87 17.59 -9.72 -4.62
CA ASP A 87 17.40 -11.14 -4.89
C ASP A 87 16.36 -11.31 -5.98
N TYR A 88 15.47 -10.33 -6.11
CA TYR A 88 14.36 -10.39 -7.05
C TYR A 88 14.38 -9.30 -8.10
N ASN A 89 14.93 -8.13 -7.81
CA ASN A 89 14.99 -7.05 -8.78
C ASN A 89 16.33 -7.02 -9.52
N TYR A 90 17.44 -6.85 -8.80
CA TYR A 90 18.74 -6.72 -9.43
C TYR A 90 19.82 -7.05 -8.40
N LYS A 91 20.65 -8.05 -8.70
CA LYS A 91 21.66 -8.50 -7.74
C LYS A 91 23.04 -8.24 -8.34
N LEU A 92 23.90 -7.61 -7.55
CA LEU A 92 25.18 -7.14 -8.05
C LEU A 92 26.13 -8.32 -8.27
N PRO A 93 26.96 -8.28 -9.30
CA PRO A 93 28.05 -9.26 -9.41
C PRO A 93 28.96 -9.21 -8.19
N ASP A 94 29.28 -10.39 -7.67
CA ASP A 94 29.95 -10.52 -6.39
C ASP A 94 31.47 -10.59 -6.49
N ASP A 95 32.02 -10.57 -7.70
CA ASP A 95 33.46 -10.74 -7.85
C ASP A 95 34.23 -9.42 -7.86
N PHE A 96 33.83 -8.47 -8.71
CA PHE A 96 34.56 -7.22 -8.85
C PHE A 96 33.63 -6.24 -9.56
N THR A 97 33.34 -5.11 -8.92
CA THR A 97 32.47 -4.09 -9.48
C THR A 97 33.11 -2.73 -9.29
N GLY A 98 32.74 -1.79 -10.16
CA GLY A 98 33.41 -0.50 -10.18
C GLY A 98 33.16 0.39 -9.00
N CYS A 99 31.95 0.95 -8.88
CA CYS A 99 31.62 1.83 -7.77
C CYS A 99 30.10 2.01 -7.70
N VAL A 100 29.66 2.61 -6.59
CA VAL A 100 28.26 2.91 -6.36
C VAL A 100 28.16 4.28 -5.71
N ILE A 101 27.14 5.04 -6.09
CA ILE A 101 26.86 6.36 -5.51
C ILE A 101 25.36 6.44 -5.24
N ALA A 102 25.01 6.87 -4.02
CA ALA A 102 23.62 6.98 -3.61
C ALA A 102 23.35 8.38 -3.08
N TRP A 103 22.14 8.89 -3.33
CA TRP A 103 21.77 10.18 -2.76
C TRP A 103 20.26 10.26 -2.68
N ASN A 104 19.78 11.22 -1.88
CA ASN A 104 18.36 11.42 -1.71
C ASN A 104 17.76 12.18 -2.89
N SER A 105 16.47 11.92 -3.13
CA SER A 105 15.70 12.65 -4.13
C SER A 105 14.33 13.00 -3.60
N ASN A 106 14.26 13.31 -2.29
CA ASN A 106 13.01 13.74 -1.67
C ASN A 106 12.54 15.05 -2.28
N LYS A 107 13.47 15.94 -2.63
CA LYS A 107 13.11 17.17 -3.32
C LYS A 107 12.53 16.89 -4.71
N LEU A 108 13.14 15.97 -5.45
CA LEU A 108 12.85 15.85 -6.87
C LEU A 108 11.82 14.77 -7.21
N ASP A 109 11.79 13.67 -6.47
CA ASP A 109 10.99 12.52 -6.92
C ASP A 109 9.96 12.09 -5.88
N SER A 110 9.75 12.88 -4.83
CA SER A 110 8.74 12.57 -3.82
C SER A 110 7.59 13.55 -3.98
N LYS A 111 6.45 13.05 -4.43
CA LYS A 111 5.31 13.91 -4.63
C LYS A 111 4.22 13.57 -3.63
N PRO A 112 3.55 14.57 -3.07
CA PRO A 112 2.45 14.30 -2.14
C PRO A 112 1.29 13.59 -2.82
N SER A 113 0.49 12.92 -1.99
CA SER A 113 -0.59 12.01 -2.37
C SER A 113 -0.10 10.85 -3.23
N GLY A 114 1.20 10.54 -3.17
CA GLY A 114 1.76 9.45 -3.96
C GLY A 114 2.12 9.89 -5.37
N ASN A 115 3.13 9.22 -5.92
CA ASN A 115 3.47 9.34 -7.33
C ASN A 115 3.68 7.93 -7.90
N TYR A 116 2.59 7.36 -8.39
CA TYR A 116 2.53 5.95 -8.76
C TYR A 116 3.26 5.62 -10.05
N ASN A 117 4.00 6.57 -10.64
CA ASN A 117 4.77 6.27 -11.84
C ASN A 117 5.90 5.29 -11.53
N TYR A 118 6.47 5.37 -10.34
CA TYR A 118 7.56 4.50 -9.96
C TYR A 118 7.02 3.14 -9.51
N LEU A 119 7.90 2.13 -9.54
CA LEU A 119 7.47 0.76 -9.31
C LEU A 119 8.67 -0.10 -8.92
N TYR A 120 8.37 -1.28 -8.38
CA TYR A 120 9.37 -2.32 -8.18
C TYR A 120 8.72 -3.67 -8.37
N ARG A 121 9.47 -4.61 -8.94
CA ARG A 121 8.93 -5.93 -9.24
C ARG A 121 8.93 -6.77 -7.97
N LEU A 122 8.56 -8.04 -8.09
CA LEU A 122 8.30 -8.89 -6.93
C LEU A 122 8.98 -10.22 -7.19
N PHE A 123 8.62 -11.23 -6.40
CA PHE A 123 9.19 -12.56 -6.53
C PHE A 123 8.91 -13.15 -7.91
N ARG A 124 9.92 -13.78 -8.49
CA ARG A 124 9.70 -14.70 -9.61
C ARG A 124 10.58 -15.92 -9.38
N LYS A 125 9.99 -17.10 -9.60
CA LYS A 125 10.63 -18.39 -9.85
C LYS A 125 11.92 -18.65 -9.07
N SER A 126 13.01 -18.93 -9.79
CA SER A 126 14.30 -19.19 -9.16
C SER A 126 14.98 -17.88 -8.79
N LYS A 127 16.22 -17.99 -8.32
CA LYS A 127 17.02 -16.81 -8.00
C LYS A 127 17.36 -16.04 -9.26
N LEU A 128 17.35 -14.72 -9.15
CA LEU A 128 17.71 -13.87 -10.29
C LEU A 128 19.21 -14.00 -10.57
N LYS A 129 19.54 -14.29 -11.82
CA LYS A 129 20.92 -14.31 -12.25
C LYS A 129 21.46 -12.88 -12.20
N PRO A 130 22.72 -12.68 -11.80
CA PRO A 130 23.23 -11.31 -11.64
C PRO A 130 23.33 -10.56 -12.96
N PHE A 131 22.95 -9.29 -12.93
CA PHE A 131 23.11 -8.34 -14.03
C PHE A 131 22.35 -8.80 -15.27
N GLU A 132 21.03 -8.95 -15.12
CA GLU A 132 20.15 -9.33 -16.21
C GLU A 132 18.85 -8.55 -16.11
N ARG A 133 18.17 -8.40 -17.24
CA ARG A 133 16.91 -7.68 -17.30
C ARG A 133 15.73 -8.63 -17.15
N ASP A 134 14.65 -8.13 -16.55
CA ASP A 134 13.43 -8.89 -16.34
C ASP A 134 12.23 -8.03 -16.76
N ILE A 135 12.31 -7.49 -17.98
CA ILE A 135 11.38 -6.48 -18.48
C ILE A 135 9.98 -7.03 -18.73
N SER A 136 9.80 -8.35 -18.58
CA SER A 136 8.47 -8.93 -18.72
C SER A 136 7.56 -8.45 -17.60
N THR A 137 6.36 -7.99 -17.98
CA THR A 137 5.42 -7.43 -17.04
C THR A 137 4.11 -8.21 -16.98
N GLU A 138 4.07 -9.39 -17.60
CA GLU A 138 2.84 -10.15 -17.68
C GLU A 138 2.47 -10.74 -16.31
N ILE A 139 1.20 -11.10 -16.19
CA ILE A 139 0.64 -11.52 -14.90
C ILE A 139 1.32 -12.81 -14.43
N TYR A 140 1.44 -12.98 -13.11
CA TYR A 140 2.12 -14.13 -12.56
C TYR A 140 1.14 -15.22 -12.19
N GLN A 141 1.40 -16.42 -12.69
CA GLN A 141 0.70 -17.63 -12.28
C GLN A 141 1.51 -18.33 -11.21
N ALA A 142 0.89 -18.61 -10.06
CA ALA A 142 1.57 -19.35 -9.01
C ALA A 142 1.64 -20.83 -9.35
N GLY A 143 0.65 -21.33 -10.07
CA GLY A 143 0.65 -22.72 -10.48
C GLY A 143 -0.68 -23.10 -11.06
N ASN A 144 -0.82 -24.43 -11.27
CA ASN A 144 -1.98 -25.17 -11.78
C ASN A 144 -2.90 -24.41 -12.74
N LYS A 145 -3.79 -23.57 -12.20
CA LYS A 145 -4.78 -22.82 -12.96
C LYS A 145 -4.02 -21.83 -13.86
N PRO A 146 -4.14 -21.96 -15.19
CA PRO A 146 -3.34 -21.11 -16.08
C PRO A 146 -3.75 -19.65 -16.10
N CYS A 147 -4.92 -19.31 -15.56
CA CYS A 147 -5.44 -17.94 -15.45
C CYS A 147 -5.67 -17.27 -16.80
N ASN A 148 -6.27 -16.09 -16.78
CA ASN A 148 -6.46 -15.32 -18.00
C ASN A 148 -6.53 -13.83 -17.73
N GLY A 149 -5.39 -13.14 -17.82
CA GLY A 149 -5.30 -11.68 -17.78
C GLY A 149 -6.06 -10.93 -16.71
N VAL A 150 -6.18 -11.53 -15.52
CA VAL A 150 -6.96 -10.97 -14.43
C VAL A 150 -6.10 -10.99 -13.17
N ALA A 151 -6.72 -10.62 -12.05
CA ALA A 151 -6.10 -10.72 -10.74
C ALA A 151 -7.02 -11.50 -9.81
N GLY A 152 -6.47 -12.48 -9.13
CA GLY A 152 -7.26 -13.30 -8.23
C GLY A 152 -6.36 -13.93 -7.18
N SER A 153 -6.81 -15.07 -6.66
CA SER A 153 -6.03 -15.79 -5.65
C SER A 153 -4.82 -16.49 -6.24
N ASN A 154 -4.87 -16.80 -7.53
CA ASN A 154 -3.72 -17.35 -8.25
C ASN A 154 -3.09 -16.33 -9.18
N CYS A 155 -3.87 -15.48 -9.83
CA CYS A 155 -3.37 -14.48 -10.76
C CYS A 155 -2.80 -13.32 -9.95
N TYR A 156 -1.48 -13.21 -9.91
CA TYR A 156 -0.80 -12.25 -9.07
C TYR A 156 -0.06 -11.21 -9.91
N SER A 157 -0.22 -9.95 -9.54
CA SER A 157 0.43 -8.88 -10.27
C SER A 157 1.90 -8.81 -9.88
N PRO A 158 2.83 -8.84 -10.84
CA PRO A 158 4.25 -8.67 -10.52
C PRO A 158 4.69 -7.24 -10.27
N LEU A 159 3.75 -6.30 -10.18
CA LEU A 159 4.05 -4.89 -10.05
C LEU A 159 3.61 -4.38 -8.68
N GLN A 160 4.41 -3.46 -8.14
CA GLN A 160 4.04 -2.78 -6.90
C GLN A 160 4.72 -1.42 -6.90
N SER A 161 3.99 -0.39 -6.52
CA SER A 161 4.49 0.98 -6.56
C SER A 161 5.13 1.37 -5.24
N TYR A 162 6.14 2.23 -5.32
CA TYR A 162 6.74 2.84 -4.12
C TYR A 162 5.73 3.68 -3.35
N GLY A 163 4.95 4.49 -4.06
CA GLY A 163 4.11 5.45 -3.37
C GLY A 163 4.82 6.75 -3.13
N PHE A 164 5.79 6.75 -2.21
CA PHE A 164 6.62 7.90 -1.88
C PHE A 164 5.82 9.15 -1.49
N ARG A 165 5.13 9.03 -0.38
CA ARG A 165 4.65 10.24 0.27
C ARG A 165 5.82 10.95 0.93
N PRO A 166 6.05 12.23 0.64
CA PRO A 166 7.18 12.95 1.26
C PRO A 166 7.03 13.11 2.77
N THR A 167 5.83 12.93 3.31
CA THR A 167 5.61 13.00 4.75
C THR A 167 6.28 11.86 5.52
N TYR A 168 6.70 10.79 4.85
CA TYR A 168 7.42 9.73 5.51
C TYR A 168 8.79 10.21 5.97
N GLY A 169 9.30 9.57 7.02
CA GLY A 169 10.58 9.92 7.60
C GLY A 169 11.75 9.35 6.83
N VAL A 170 12.84 9.09 7.55
CA VAL A 170 14.09 8.62 6.96
C VAL A 170 13.94 7.22 6.37
N GLY A 171 12.89 6.49 6.76
CA GLY A 171 12.66 5.19 6.17
C GLY A 171 12.33 5.25 4.69
N HIS A 172 11.39 6.10 4.31
CA HIS A 172 10.87 6.12 2.94
C HIS A 172 11.24 7.43 2.27
N GLN A 173 12.19 7.38 1.35
CA GLN A 173 12.55 8.49 0.49
C GLN A 173 12.93 7.96 -0.89
N PRO A 174 12.81 8.78 -1.93
CA PRO A 174 13.44 8.43 -3.20
C PRO A 174 14.94 8.52 -3.08
N TYR A 175 15.62 7.39 -3.23
CA TYR A 175 17.07 7.34 -3.25
C TYR A 175 17.52 7.01 -4.66
N ARG A 176 18.15 7.97 -5.32
CA ARG A 176 18.71 7.76 -6.65
C ARG A 176 20.10 7.16 -6.50
N VAL A 177 20.34 6.04 -7.16
CA VAL A 177 21.55 5.25 -7.00
C VAL A 177 22.11 4.92 -8.38
N VAL A 178 23.43 4.96 -8.50
CA VAL A 178 24.12 4.65 -9.74
C VAL A 178 25.24 3.66 -9.44
N VAL A 179 25.47 2.74 -10.38
CA VAL A 179 26.55 1.77 -10.30
C VAL A 179 27.37 1.82 -11.57
N LEU A 180 28.67 1.57 -11.42
CA LEU A 180 29.66 1.66 -12.48
C LEU A 180 30.58 0.45 -12.41
N SER A 181 31.14 0.08 -13.55
CA SER A 181 32.12 -1.00 -13.63
C SER A 181 33.43 -0.46 -14.17
N PHE A 182 34.54 -1.00 -13.67
CA PHE A 182 35.87 -0.62 -14.16
C PHE A 182 36.69 -1.90 -14.33
N GLU A 183 36.60 -2.49 -15.51
CA GLU A 183 37.43 -3.63 -15.88
C GLU A 183 37.88 -3.45 -17.32
N LEU A 184 39.07 -3.97 -17.62
CA LEU A 184 39.62 -3.85 -18.97
C LEU A 184 39.72 -5.20 -19.68
N LEU A 185 40.52 -6.11 -19.13
CA LEU A 185 40.61 -7.53 -19.55
C LEU A 185 40.84 -7.72 -21.05
N HIS A 186 41.31 -6.70 -21.77
CA HIS A 186 41.34 -6.73 -23.23
C HIS A 186 42.55 -5.94 -23.70
N ALA A 187 42.55 -5.60 -24.99
CA ALA A 187 43.56 -4.73 -25.59
C ALA A 187 43.36 -3.23 -25.34
N PRO A 188 42.22 -2.60 -25.66
CA PRO A 188 42.17 -1.14 -25.62
C PRO A 188 41.97 -0.61 -24.20
N ALA A 189 41.88 0.71 -24.10
CA ALA A 189 41.72 1.38 -22.82
C ALA A 189 41.03 2.72 -23.03
N THR A 190 40.47 3.26 -21.94
CA THR A 190 39.81 4.55 -21.96
C THR A 190 40.79 5.66 -21.61
N VAL A 191 40.26 6.86 -21.32
CA VAL A 191 41.08 8.02 -21.06
C VAL A 191 41.78 7.89 -19.72
N CYS A 192 43.05 8.26 -19.68
CA CYS A 192 43.81 8.42 -18.46
C CYS A 192 43.96 9.92 -18.25
N GLY A 193 43.05 10.50 -17.47
CA GLY A 193 42.87 11.93 -17.39
C GLY A 193 44.06 12.71 -16.89
N PRO A 194 44.43 12.54 -15.62
CA PRO A 194 45.63 13.20 -15.10
C PRO A 194 46.90 12.72 -15.77
N LYS A 195 47.56 13.61 -16.51
CA LYS A 195 48.76 13.25 -17.24
C LYS A 195 49.67 14.46 -17.44
N VAL B 1 -3.03 22.40 19.45
CA VAL B 1 -2.78 22.10 18.05
C VAL B 1 -3.32 23.22 17.17
N GLN B 2 -3.76 24.29 17.80
CA GLN B 2 -4.36 25.40 17.08
C GLN B 2 -3.30 26.25 16.40
N LEU B 3 -3.73 27.34 15.76
CA LEU B 3 -2.85 28.22 15.02
C LEU B 3 -3.25 29.66 15.27
N GLN B 4 -2.27 30.57 15.22
CA GLN B 4 -2.50 31.99 15.37
C GLN B 4 -1.72 32.73 14.30
N GLU B 5 -2.33 33.80 13.79
CA GLU B 5 -1.79 34.56 12.67
C GLU B 5 -1.69 36.03 13.01
N SER B 6 -0.81 36.72 12.29
CA SER B 6 -0.65 38.16 12.40
C SER B 6 -0.08 38.70 11.10
N GLY B 7 -0.18 40.01 10.91
CA GLY B 7 0.30 40.64 9.70
C GLY B 7 0.24 42.16 9.77
N PRO B 8 0.21 42.80 8.60
CA PRO B 8 0.21 44.26 8.56
C PRO B 8 -1.19 44.86 8.60
N GLY B 9 -1.31 45.98 9.32
CA GLY B 9 -2.59 46.63 9.48
C GLY B 9 -3.09 47.38 8.26
N LEU B 10 -2.38 48.44 7.89
CA LEU B 10 -2.85 49.33 6.83
C LEU B 10 -1.65 49.99 6.19
N LEU B 11 -1.48 49.80 4.88
CA LEU B 11 -0.39 50.42 4.14
C LEU B 11 -0.93 51.10 2.89
N LYS B 12 -0.01 51.61 2.08
CA LYS B 12 -0.35 52.41 0.92
C LYS B 12 -0.93 51.50 -0.16
N PRO B 13 -1.75 52.02 -1.09
CA PRO B 13 -2.34 51.14 -2.11
C PRO B 13 -1.47 50.75 -3.30
N SER B 14 -0.14 50.95 -3.24
CA SER B 14 0.76 50.44 -4.29
C SER B 14 2.19 50.38 -3.74
N GLN B 15 2.66 49.17 -3.41
CA GLN B 15 4.06 48.94 -3.08
C GLN B 15 4.38 47.47 -3.30
N THR B 16 5.61 47.08 -2.96
CA THR B 16 6.05 45.70 -3.16
C THR B 16 5.98 44.85 -1.90
N LEU B 17 6.15 45.44 -0.71
CA LEU B 17 6.34 44.63 0.49
C LEU B 17 4.99 44.10 1.01
N SER B 18 5.02 42.89 1.54
CA SER B 18 3.85 42.23 2.12
C SER B 18 4.34 41.13 3.04
N LEU B 19 3.86 41.12 4.28
CA LEU B 19 4.34 40.20 5.30
C LEU B 19 3.18 39.44 5.91
N THR B 20 3.47 38.22 6.39
CA THR B 20 2.58 37.47 7.26
C THR B 20 3.40 36.94 8.43
N CYS B 21 2.71 36.35 9.40
CA CYS B 21 3.40 35.68 10.50
C CYS B 21 2.45 34.67 11.11
N SER B 22 3.00 33.51 11.49
CA SER B 22 2.21 32.42 12.03
C SER B 22 2.90 31.85 13.26
N VAL B 23 2.09 31.24 14.13
CA VAL B 23 2.61 30.49 15.27
C VAL B 23 1.64 29.37 15.58
N SER B 24 2.17 28.21 15.97
CA SER B 24 1.35 27.06 16.33
C SER B 24 1.00 27.07 17.81
N GLY B 25 2.01 27.03 18.66
CA GLY B 25 1.78 26.91 20.09
C GLY B 25 1.51 25.49 20.51
N GLY B 26 0.40 24.92 20.03
CA GLY B 26 0.04 23.56 20.33
C GLY B 26 0.66 22.51 19.44
N SER B 27 1.53 22.89 18.52
CA SER B 27 2.17 21.93 17.62
C SER B 27 3.54 22.47 17.24
N VAL B 28 4.24 21.75 16.37
CA VAL B 28 5.59 22.10 15.94
C VAL B 28 5.65 22.03 14.42
N SER B 29 6.44 22.92 13.81
CA SER B 29 6.61 22.97 12.37
C SER B 29 7.70 21.97 11.97
N SER B 30 7.38 20.68 12.14
CA SER B 30 8.35 19.62 11.88
C SER B 30 7.94 18.74 10.70
N THR B 31 6.78 18.10 10.76
CA THR B 31 6.41 17.13 9.74
C THR B 31 4.93 16.84 9.82
N THR B 32 4.43 16.22 8.74
CA THR B 32 3.11 15.60 8.57
C THR B 32 1.95 16.58 8.52
N TYR B 33 2.21 17.86 8.82
CA TYR B 33 1.22 18.93 8.76
C TYR B 33 1.82 20.03 7.90
N TYR B 34 1.61 19.97 6.59
CA TYR B 34 2.19 21.01 5.75
C TYR B 34 1.41 22.31 5.92
N TRP B 35 2.10 23.42 5.69
CA TRP B 35 1.54 24.75 5.94
C TRP B 35 1.16 25.40 4.61
N SER B 36 -0.06 25.91 4.54
CA SER B 36 -0.62 26.42 3.31
C SER B 36 -1.30 27.76 3.57
N TRP B 37 -1.37 28.57 2.53
CA TRP B 37 -2.01 29.88 2.61
C TRP B 37 -3.22 29.91 1.68
N ILE B 38 -4.25 30.65 2.10
CA ILE B 38 -5.46 30.77 1.29
C ILE B 38 -5.77 32.24 1.08
N ARG B 39 -6.18 32.58 -0.15
CA ARG B 39 -6.57 33.91 -0.57
C ARG B 39 -8.03 33.90 -0.99
N GLN B 40 -8.70 35.04 -0.81
CA GLN B 40 -10.04 35.22 -1.32
C GLN B 40 -10.31 36.72 -1.52
N HIS B 41 -10.85 37.06 -2.67
CA HIS B 41 -11.33 38.43 -2.81
C HIS B 41 -12.60 38.63 -2.00
N PRO B 42 -12.76 39.77 -1.34
CA PRO B 42 -14.00 40.04 -0.61
C PRO B 42 -15.19 40.05 -1.56
N GLY B 43 -16.24 39.32 -1.17
CA GLY B 43 -17.34 39.10 -2.08
C GLY B 43 -17.07 38.08 -3.17
N LYS B 44 -16.08 37.20 -2.97
CA LYS B 44 -15.81 36.13 -3.92
C LYS B 44 -15.25 34.97 -3.11
N GLY B 45 -15.35 33.76 -3.66
CA GLY B 45 -14.91 32.57 -2.98
C GLY B 45 -13.39 32.47 -2.81
N LEU B 46 -12.97 31.29 -2.37
CA LEU B 46 -11.59 31.03 -1.99
C LEU B 46 -10.71 30.77 -3.21
N GLU B 47 -9.40 30.88 -3.01
CA GLU B 47 -8.45 30.59 -4.09
C GLU B 47 -7.11 30.20 -3.46
N TRP B 48 -6.66 28.97 -3.73
CA TRP B 48 -5.44 28.46 -3.15
C TRP B 48 -4.21 29.05 -3.83
N ILE B 49 -3.16 29.33 -3.06
CA ILE B 49 -1.93 29.89 -3.58
C ILE B 49 -0.73 29.00 -3.32
N GLY B 50 -0.61 28.40 -2.14
CA GLY B 50 0.57 27.58 -1.90
C GLY B 50 0.59 26.72 -0.65
N TYR B 51 1.29 25.58 -0.73
CA TYR B 51 1.58 24.73 0.41
C TYR B 51 3.06 24.44 0.45
N ILE B 52 3.60 24.32 1.67
CA ILE B 52 5.03 24.12 1.92
C ILE B 52 5.20 23.08 3.01
N LEU B 53 6.12 22.14 2.79
CA LEU B 53 6.57 21.20 3.80
C LEU B 53 7.99 21.57 4.23
N TYR B 54 8.49 20.86 5.25
CA TYR B 54 9.78 21.22 5.84
C TYR B 54 10.94 20.90 4.91
N ASN B 55 11.11 19.62 4.56
CA ASN B 55 12.24 19.19 3.75
C ASN B 55 12.00 19.54 2.28
N TRP B 56 12.09 20.84 2.00
CA TRP B 56 12.04 21.43 0.65
C TRP B 56 10.71 21.06 0.00
N ASN B 57 10.71 20.53 -1.23
CA ASN B 57 9.50 20.10 -1.95
C ASN B 57 8.49 21.23 -2.07
N SER B 58 8.99 22.43 -2.34
CA SER B 58 8.16 23.63 -2.38
C SER B 58 7.29 23.65 -3.63
N SER B 59 6.07 24.18 -3.48
CA SER B 59 5.15 24.32 -4.60
C SER B 59 4.25 25.51 -4.37
N TYR B 60 3.71 26.06 -5.46
CA TYR B 60 2.85 27.22 -5.40
C TYR B 60 1.72 27.06 -6.41
N ASN B 61 0.83 28.06 -6.45
CA ASN B 61 -0.23 28.06 -7.44
C ASN B 61 0.36 28.30 -8.83
N PRO B 62 -0.18 27.64 -9.87
CA PRO B 62 0.23 27.99 -11.24
C PRO B 62 -0.04 29.43 -11.59
N SER B 63 -1.16 30.00 -11.14
CA SER B 63 -1.39 31.42 -11.31
C SER B 63 -0.63 32.20 -10.25
N LEU B 64 -0.11 33.36 -10.68
CA LEU B 64 0.70 34.25 -9.84
C LEU B 64 1.94 33.55 -9.28
N LYS B 65 2.49 32.60 -10.03
CA LYS B 65 3.67 31.87 -9.60
C LYS B 65 4.95 32.67 -9.73
N SER B 66 4.89 33.85 -10.35
CA SER B 66 6.10 34.59 -10.68
C SER B 66 6.81 35.10 -9.43
N ARG B 67 6.07 35.71 -8.51
CA ARG B 67 6.67 36.34 -7.33
C ARG B 67 5.94 35.87 -6.07
N VAL B 68 6.28 34.67 -5.60
CA VAL B 68 5.76 34.09 -4.38
C VAL B 68 6.87 33.29 -3.70
N THR B 69 7.13 33.59 -2.43
CA THR B 69 8.04 32.79 -1.64
C THR B 69 7.47 32.59 -0.24
N ILE B 70 7.88 31.50 0.40
CA ILE B 70 7.46 31.17 1.75
C ILE B 70 8.70 30.91 2.60
N SER B 71 8.76 31.51 3.78
CA SER B 71 9.87 31.31 4.69
C SER B 71 9.38 30.63 5.97
N ILE B 72 9.96 29.48 6.29
CA ILE B 72 9.61 28.76 7.51
C ILE B 72 10.84 28.73 8.41
N ASP B 73 10.60 28.51 9.70
CA ASP B 73 11.67 28.46 10.68
C ASP B 73 11.15 27.78 11.94
N THR B 74 12.03 27.05 12.62
CA THR B 74 11.70 26.44 13.90
C THR B 74 12.39 27.11 15.07
N SER B 75 13.10 28.22 14.85
CA SER B 75 13.62 29.00 15.95
C SER B 75 12.48 29.61 16.76
N LYS B 76 11.41 30.02 16.09
CA LYS B 76 10.21 30.51 16.75
C LYS B 76 8.97 29.72 16.35
N ASN B 77 9.14 28.55 15.71
CA ASN B 77 8.05 27.68 15.27
C ASN B 77 7.07 28.43 14.35
N GLN B 78 7.63 29.19 13.42
CA GLN B 78 6.88 30.15 12.63
C GLN B 78 7.03 29.86 11.15
N PHE B 79 6.09 30.40 10.37
CA PHE B 79 6.21 30.41 8.92
C PHE B 79 5.45 31.64 8.40
N SER B 80 5.87 32.10 7.23
CA SER B 80 5.37 33.36 6.73
C SER B 80 5.39 33.37 5.21
N LEU B 81 4.54 34.24 4.66
CA LEU B 81 4.39 34.45 3.23
C LEU B 81 5.19 35.67 2.79
N ARG B 82 5.56 35.69 1.52
CA ARG B 82 6.29 36.81 0.92
C ARG B 82 5.78 36.96 -0.51
N LEU B 83 4.86 37.90 -0.69
CA LEU B 83 4.33 38.31 -1.99
C LEU B 83 4.88 39.68 -2.33
N SER B 84 5.49 39.80 -3.50
CA SER B 84 6.11 41.05 -3.90
C SER B 84 5.28 41.73 -4.97
N SER B 85 5.53 43.04 -5.14
CA SER B 85 5.06 43.83 -6.29
C SER B 85 3.54 43.81 -6.45
N VAL B 86 2.83 43.92 -5.33
CA VAL B 86 1.37 43.93 -5.38
C VAL B 86 0.89 45.30 -5.90
N THR B 87 -0.04 45.28 -6.85
CA THR B 87 -0.55 46.48 -7.48
C THR B 87 -2.06 46.55 -7.37
N ALA B 88 -2.57 46.24 -6.17
CA ALA B 88 -4.01 46.19 -5.88
C ALA B 88 -4.75 45.22 -6.79
N ALA B 89 -4.07 44.17 -7.25
CA ALA B 89 -4.72 43.15 -8.04
C ALA B 89 -5.75 42.40 -7.23
N ASP B 90 -5.41 42.08 -5.97
CA ASP B 90 -6.36 41.44 -5.06
C ASP B 90 -5.89 41.69 -3.64
N THR B 91 -6.69 42.41 -2.87
CA THR B 91 -6.52 42.47 -1.42
C THR B 91 -7.36 41.37 -0.79
N ALA B 92 -6.87 40.83 0.32
CA ALA B 92 -7.49 39.63 0.86
C ALA B 92 -7.17 39.54 2.34
N VAL B 93 -7.45 38.36 2.90
CA VAL B 93 -7.29 38.11 4.32
C VAL B 93 -6.31 36.97 4.61
N TYR B 94 -6.09 36.05 3.66
CA TYR B 94 -4.93 35.17 3.61
C TYR B 94 -4.85 34.25 4.84
N TYR B 95 -5.83 33.36 4.96
CA TYR B 95 -5.83 32.48 6.13
C TYR B 95 -4.70 31.46 6.03
N CYS B 96 -4.32 30.92 7.18
CA CYS B 96 -3.39 29.81 7.27
C CYS B 96 -4.17 28.49 7.29
N ALA B 97 -3.49 27.42 6.88
CA ALA B 97 -4.14 26.12 6.85
C ALA B 97 -3.08 25.03 6.98
N GLY B 98 -3.53 23.86 7.45
CA GLY B 98 -2.71 22.68 7.47
C GLY B 98 -3.48 21.51 6.89
N PHE B 99 -2.73 20.50 6.45
CA PHE B 99 -3.37 19.33 5.87
C PHE B 99 -3.87 18.34 6.92
N GLY B 100 -3.32 18.36 8.13
CA GLY B 100 -3.79 17.45 9.15
C GLY B 100 -3.35 16.02 8.87
N ASP B 101 -4.27 15.08 9.10
CA ASP B 101 -3.98 13.67 8.90
C ASP B 101 -3.94 13.37 7.41
N TYR B 102 -2.76 13.00 6.92
CA TYR B 102 -2.64 12.55 5.55
C TYR B 102 -3.35 11.21 5.38
N GLY B 103 -4.04 11.05 4.26
CA GLY B 103 -4.79 9.84 4.02
C GLY B 103 -4.36 9.13 2.76
N GLY B 104 -5.30 8.41 2.12
CA GLY B 104 -5.00 7.69 0.91
C GLY B 104 -4.76 8.58 -0.30
N ASN B 105 -5.81 9.26 -0.76
CA ASN B 105 -5.72 10.06 -1.96
C ASN B 105 -6.48 11.38 -1.82
N SER B 106 -6.65 11.86 -0.60
CA SER B 106 -7.43 13.07 -0.38
C SER B 106 -6.80 13.87 0.74
N PHE B 107 -7.01 15.18 0.69
CA PHE B 107 -6.54 16.08 1.73
C PHE B 107 -7.59 17.15 2.00
N TRP B 108 -7.69 17.53 3.27
CA TRP B 108 -8.59 18.59 3.71
C TRP B 108 -7.82 19.53 4.62
N PHE B 109 -8.25 20.78 4.65
CA PHE B 109 -7.48 21.84 5.27
C PHE B 109 -7.92 22.02 6.73
N ASP B 110 -7.03 21.72 7.68
CA ASP B 110 -7.32 21.87 9.11
C ASP B 110 -6.06 21.83 9.96
N PRO B 111 -5.99 22.61 11.05
CA PRO B 111 -6.91 23.64 11.49
C PRO B 111 -6.47 25.02 10.99
N TRP B 112 -7.26 26.06 11.23
CA TRP B 112 -7.01 27.37 10.62
C TRP B 112 -6.87 28.43 11.69
N GLY B 113 -6.11 29.47 11.35
CA GLY B 113 -5.99 30.64 12.20
C GLY B 113 -7.18 31.57 12.06
N GLN B 114 -7.11 32.67 12.81
CA GLN B 114 -8.19 33.65 12.79
C GLN B 114 -8.23 34.46 11.50
N GLY B 115 -7.13 34.51 10.77
CA GLY B 115 -7.05 35.30 9.56
C GLY B 115 -6.79 36.77 9.82
N THR B 116 -5.96 37.39 8.98
CA THR B 116 -5.54 38.77 9.17
C THR B 116 -5.91 39.56 7.92
N LEU B 117 -7.00 40.33 8.01
CA LEU B 117 -7.43 41.15 6.89
C LEU B 117 -6.46 42.31 6.70
N VAL B 118 -6.07 42.54 5.46
CA VAL B 118 -5.15 43.62 5.13
C VAL B 118 -5.81 44.46 4.03
N THR B 119 -5.44 45.73 3.97
CA THR B 119 -6.13 46.70 3.11
C THR B 119 -5.68 46.52 1.67
N VAL B 120 -6.08 47.46 0.80
CA VAL B 120 -5.86 47.30 -0.63
C VAL B 120 -4.39 47.49 -0.98
N SER B 121 -3.83 46.51 -1.66
CA SER B 121 -2.39 46.41 -1.94
C SER B 121 -1.56 46.60 -0.67
N SER B 122 -1.97 45.87 0.38
CA SER B 122 -1.51 45.99 1.77
C SER B 122 -1.82 47.35 2.40
N LEU C 1 -16.34 22.17 -12.55
CA LEU C 1 -16.37 22.62 -11.16
C LEU C 1 -17.50 23.62 -10.99
N THR C 2 -18.72 23.13 -10.80
CA THR C 2 -19.91 23.96 -10.83
C THR C 2 -20.83 23.66 -9.66
N GLN C 3 -21.64 24.65 -9.32
CA GLN C 3 -22.66 24.56 -8.28
C GLN C 3 -23.61 25.74 -8.46
N PRO C 4 -24.82 25.68 -7.90
CA PRO C 4 -25.65 26.89 -7.87
C PRO C 4 -25.08 27.92 -6.92
N PRO C 5 -25.25 29.21 -7.23
CA PRO C 5 -24.56 30.24 -6.44
C PRO C 5 -25.25 30.57 -5.12
N SER C 6 -26.56 30.39 -5.05
CA SER C 6 -27.31 30.75 -3.85
C SER C 6 -28.58 29.91 -3.80
N VAL C 7 -29.20 29.91 -2.62
CA VAL C 7 -30.41 29.14 -2.38
C VAL C 7 -31.16 29.78 -1.24
N SER C 8 -32.47 29.54 -1.17
CA SER C 8 -33.32 30.02 -0.09
C SER C 8 -34.16 28.87 0.44
N VAL C 9 -34.47 28.92 1.74
CA VAL C 9 -35.21 27.85 2.39
C VAL C 9 -35.92 28.42 3.61
N ALA C 10 -37.03 27.78 4.00
CA ALA C 10 -37.71 28.10 5.24
C ALA C 10 -36.94 27.49 6.43
N PRO C 11 -36.95 28.16 7.58
CA PRO C 11 -36.32 27.57 8.76
C PRO C 11 -37.03 26.32 9.23
N GLY C 12 -36.24 25.36 9.71
CA GLY C 12 -36.78 24.08 10.12
C GLY C 12 -37.13 23.13 9.01
N LYS C 13 -36.95 23.54 7.76
CA LYS C 13 -37.28 22.72 6.60
C LYS C 13 -35.98 22.25 5.98
N THR C 14 -35.90 20.96 5.68
CA THR C 14 -34.64 20.35 5.24
C THR C 14 -34.26 20.85 3.85
N ALA C 15 -32.97 21.11 3.65
CA ALA C 15 -32.49 21.81 2.47
C ALA C 15 -31.38 21.03 1.79
N ARG C 16 -31.37 21.07 0.46
CA ARG C 16 -30.34 20.42 -0.33
C ARG C 16 -29.39 21.47 -0.88
N ILE C 17 -28.09 21.26 -0.70
CA ILE C 17 -27.08 22.05 -1.39
C ILE C 17 -26.25 21.10 -2.26
N THR C 18 -26.00 21.52 -3.49
CA THR C 18 -25.51 20.63 -4.54
C THR C 18 -24.25 21.22 -5.16
N CYS C 19 -23.34 20.34 -5.57
CA CYS C 19 -22.10 20.74 -6.23
C CYS C 19 -21.87 19.77 -7.37
N GLY C 20 -21.77 20.32 -8.58
CA GLY C 20 -21.58 19.51 -9.78
C GLY C 20 -20.11 19.37 -10.16
N GLY C 21 -19.91 18.70 -11.29
CA GLY C 21 -18.57 18.43 -11.78
C GLY C 21 -18.49 17.04 -12.36
N ASN C 22 -17.76 16.88 -13.46
CA ASN C 22 -17.67 15.58 -14.11
C ASN C 22 -16.91 14.57 -13.26
N ASN C 23 -17.36 13.31 -13.32
CA ASN C 23 -16.81 12.11 -12.68
C ASN C 23 -16.33 12.31 -11.24
N ILE C 24 -17.06 13.12 -10.46
CA ILE C 24 -16.63 13.39 -9.09
C ILE C 24 -16.99 12.26 -8.14
N GLY C 25 -17.63 11.19 -8.63
CA GLY C 25 -17.71 9.98 -7.84
C GLY C 25 -16.38 9.26 -7.73
N SER C 26 -15.47 9.50 -8.67
CA SER C 26 -14.15 8.88 -8.61
C SER C 26 -13.31 9.47 -7.48
N LYS C 27 -13.43 10.76 -7.24
CA LYS C 27 -12.65 11.46 -6.22
C LYS C 27 -13.50 11.73 -5.00
N SER C 28 -12.83 11.98 -3.88
CA SER C 28 -13.52 12.31 -2.64
C SER C 28 -13.86 13.79 -2.60
N VAL C 29 -14.40 14.24 -1.47
CA VAL C 29 -14.81 15.63 -1.33
C VAL C 29 -14.72 16.01 0.16
N HIS C 30 -14.48 17.29 0.41
CA HIS C 30 -14.48 17.86 1.75
C HIS C 30 -15.16 19.22 1.66
N TRP C 31 -16.06 19.51 2.60
CA TRP C 31 -16.84 20.73 2.53
C TRP C 31 -16.71 21.58 3.79
N TYR C 32 -16.97 22.87 3.64
CA TYR C 32 -16.69 23.87 4.67
C TYR C 32 -17.89 24.78 4.89
N GLN C 33 -17.86 25.49 6.02
CA GLN C 33 -18.97 26.31 6.51
C GLN C 33 -18.50 27.73 6.79
N GLN C 34 -18.89 28.67 5.93
CA GLN C 34 -18.53 30.09 6.06
C GLN C 34 -19.73 30.95 6.44
N LYS C 35 -19.75 31.39 7.69
CA LYS C 35 -20.57 32.53 8.08
C LYS C 35 -19.70 33.78 8.11
N PRO C 36 -20.12 34.85 7.44
CA PRO C 36 -19.27 36.06 7.34
C PRO C 36 -19.05 36.71 8.68
N GLY C 37 -17.78 36.93 9.02
CA GLY C 37 -17.40 37.49 10.30
C GLY C 37 -16.37 36.67 11.03
N GLN C 38 -16.06 35.48 10.49
CA GLN C 38 -15.11 34.58 11.10
C GLN C 38 -14.56 33.64 10.02
N ALA C 39 -13.72 32.69 10.45
CA ALA C 39 -13.15 31.68 9.58
C ALA C 39 -14.13 30.52 9.40
N PRO C 40 -14.02 29.77 8.30
CA PRO C 40 -14.81 28.55 8.17
C PRO C 40 -14.20 27.39 8.95
N ALA C 41 -14.86 26.25 8.85
CA ALA C 41 -14.41 25.02 9.48
C ALA C 41 -14.92 23.85 8.67
N LEU C 42 -14.27 22.70 8.86
CA LEU C 42 -14.68 21.47 8.22
C LEU C 42 -16.01 20.98 8.80
N VAL C 43 -16.91 20.56 7.92
CA VAL C 43 -18.16 19.93 8.36
C VAL C 43 -18.33 18.52 7.85
N ILE C 44 -17.74 18.15 6.71
CA ILE C 44 -17.82 16.78 6.21
C ILE C 44 -16.57 16.46 5.40
N TYR C 45 -15.96 15.32 5.68
CA TYR C 45 -14.77 14.87 4.98
C TYR C 45 -14.97 13.40 4.57
N TYR C 46 -14.38 13.04 3.43
CA TYR C 46 -14.58 11.75 2.76
C TYR C 46 -16.04 11.44 2.45
N ASP C 47 -16.89 12.47 2.39
CA ASP C 47 -18.31 12.39 2.02
C ASP C 47 -19.14 11.56 2.99
N SER C 48 -18.55 11.05 4.07
CA SER C 48 -19.27 10.12 4.94
C SER C 48 -19.20 10.44 6.43
N ASP C 49 -18.16 11.10 6.93
CA ASP C 49 -18.02 11.35 8.36
C ASP C 49 -17.53 12.76 8.63
N ARG C 50 -17.91 13.27 9.80
CA ARG C 50 -17.67 14.62 10.28
C ARG C 50 -16.72 14.62 11.47
N PRO C 51 -15.96 15.68 11.68
CA PRO C 51 -15.05 15.73 12.83
C PRO C 51 -15.81 16.08 14.10
N SER C 52 -15.05 16.16 15.20
CA SER C 52 -15.64 16.42 16.50
C SER C 52 -16.22 17.83 16.57
N GLY C 53 -17.33 17.96 17.29
CA GLY C 53 -18.00 19.24 17.44
C GLY C 53 -19.06 19.54 16.41
N ILE C 54 -19.45 18.57 15.61
CA ILE C 54 -20.47 18.78 14.58
C ILE C 54 -21.58 17.75 14.76
N PRO C 55 -22.83 18.19 14.88
CA PRO C 55 -23.94 17.25 15.08
C PRO C 55 -24.30 16.51 13.79
N GLU C 56 -25.23 15.57 13.93
CA GLU C 56 -25.60 14.64 12.86
C GLU C 56 -26.39 15.29 11.74
N ARG C 57 -26.73 16.57 11.83
CA ARG C 57 -27.60 17.22 10.86
C ARG C 57 -26.97 17.31 9.48
N PHE C 58 -25.66 17.16 9.37
CA PHE C 58 -24.96 17.28 8.11
C PHE C 58 -24.54 15.88 7.68
N SER C 59 -25.02 15.46 6.51
CA SER C 59 -24.66 14.14 5.98
C SER C 59 -24.45 14.30 4.47
N GLY C 60 -23.19 14.33 4.06
CA GLY C 60 -22.88 14.46 2.65
C GLY C 60 -23.19 13.22 1.87
N SER C 61 -23.45 13.41 0.58
CA SER C 61 -23.79 12.32 -0.32
C SER C 61 -23.13 12.58 -1.66
N ASN C 62 -22.63 11.51 -2.28
CA ASN C 62 -22.02 11.58 -3.59
C ASN C 62 -22.75 10.64 -4.53
N SER C 63 -23.21 11.18 -5.65
CA SER C 63 -23.96 10.42 -6.66
C SER C 63 -23.35 10.75 -8.02
N GLY C 64 -22.36 9.97 -8.43
CA GLY C 64 -21.75 10.13 -9.73
C GLY C 64 -21.07 11.47 -9.94
N ASN C 65 -21.69 12.31 -10.75
CA ASN C 65 -21.19 13.65 -11.04
C ASN C 65 -21.77 14.71 -10.12
N THR C 66 -22.47 14.31 -9.05
CA THR C 66 -23.10 15.26 -8.14
C THR C 66 -22.68 14.98 -6.71
N ALA C 67 -22.67 16.04 -5.89
CA ALA C 67 -22.51 15.91 -4.45
C ALA C 67 -23.55 16.80 -3.78
N THR C 68 -24.05 16.37 -2.63
CA THR C 68 -25.18 17.06 -2.00
C THR C 68 -25.10 16.93 -0.48
N LEU C 69 -25.26 18.05 0.21
CA LEU C 69 -25.44 18.05 1.66
C LEU C 69 -26.89 18.34 2.01
N THR C 70 -27.39 17.61 3.00
CA THR C 70 -28.77 17.70 3.46
C THR C 70 -28.80 18.41 4.81
N ILE C 71 -29.77 19.30 4.97
CA ILE C 71 -29.85 20.18 6.14
C ILE C 71 -31.20 19.90 6.78
N SER C 72 -31.22 19.01 7.80
CA SER C 72 -32.49 18.53 8.36
C SER C 72 -33.29 19.65 9.02
N ARG C 73 -32.76 20.24 10.08
CA ARG C 73 -33.35 21.44 10.67
C ARG C 73 -32.46 22.64 10.40
N VAL C 74 -33.10 23.81 10.32
CA VAL C 74 -32.47 25.05 9.89
C VAL C 74 -32.71 26.11 10.95
N GLU C 75 -31.65 26.82 11.33
CA GLU C 75 -31.73 27.93 12.27
C GLU C 75 -30.84 29.06 11.75
N ALA C 76 -30.60 30.07 12.59
CA ALA C 76 -29.73 31.16 12.21
C ALA C 76 -28.26 30.80 12.42
N GLY C 77 -27.97 29.79 13.24
CA GLY C 77 -26.59 29.42 13.51
C GLY C 77 -25.86 28.86 12.30
N ASP C 78 -26.53 27.98 11.56
CA ASP C 78 -25.96 27.40 10.35
C ASP C 78 -26.26 28.24 9.11
N GLU C 79 -26.89 29.40 9.29
CA GLU C 79 -27.21 30.28 8.18
C GLU C 79 -25.92 30.87 7.62
N ALA C 80 -25.41 30.27 6.56
CA ALA C 80 -24.04 30.56 6.14
C ALA C 80 -23.83 30.12 4.70
N ASP C 81 -22.65 30.47 4.18
CA ASP C 81 -22.19 29.98 2.89
C ASP C 81 -21.47 28.65 3.07
N TYR C 82 -21.59 27.79 2.05
CA TYR C 82 -20.98 26.47 2.09
C TYR C 82 -20.13 26.28 0.84
N TYR C 83 -18.88 25.87 1.04
CA TYR C 83 -17.89 25.83 -0.02
C TYR C 83 -17.74 24.42 -0.58
N CYS C 84 -17.12 24.34 -1.76
CA CYS C 84 -16.80 23.08 -2.42
C CYS C 84 -15.28 22.98 -2.52
N GLN C 85 -14.73 21.84 -2.12
CA GLN C 85 -13.31 21.57 -2.26
C GLN C 85 -13.12 20.23 -2.97
N VAL C 86 -12.25 20.22 -3.98
CA VAL C 86 -11.85 19.00 -4.65
C VAL C 86 -10.33 18.94 -4.67
N TRP C 87 -9.78 17.82 -4.23
CA TRP C 87 -8.34 17.60 -4.24
C TRP C 87 -7.95 16.89 -5.53
N ASP C 88 -6.95 17.43 -6.21
CA ASP C 88 -6.48 16.86 -7.47
C ASP C 88 -5.27 15.96 -7.21
N SER C 89 -5.28 14.80 -7.87
CA SER C 89 -4.16 13.87 -7.82
C SER C 89 -3.34 13.86 -9.11
N SER C 90 -3.74 14.62 -10.12
CA SER C 90 -3.04 14.62 -11.40
C SER C 90 -1.93 15.66 -11.43
N SER C 91 -2.30 16.93 -11.30
CA SER C 91 -1.32 18.00 -11.15
C SER C 91 -1.05 18.33 -9.69
N ASP C 92 -1.73 17.63 -8.78
CA ASP C 92 -1.46 17.66 -7.34
C ASP C 92 -1.65 19.06 -6.76
N HIS C 93 -2.88 19.56 -6.87
CA HIS C 93 -3.23 20.88 -6.38
C HIS C 93 -4.60 20.84 -5.74
N PRO C 94 -4.92 21.81 -4.88
CA PRO C 94 -6.30 22.00 -4.46
C PRO C 94 -7.12 22.62 -5.58
N ILE C 95 -8.44 22.53 -5.45
CA ILE C 95 -9.35 23.34 -6.27
C ILE C 95 -10.64 23.55 -5.49
N PHE C 96 -11.33 24.63 -5.81
CA PHE C 96 -12.45 25.11 -5.02
C PHE C 96 -13.65 25.42 -5.90
N GLY C 97 -14.84 25.25 -5.32
CA GLY C 97 -16.02 25.90 -5.83
C GLY C 97 -16.11 27.31 -5.29
N THR C 98 -17.06 28.06 -5.84
CA THR C 98 -17.29 29.45 -5.44
C THR C 98 -18.28 29.57 -4.27
N GLY C 99 -18.76 28.46 -3.73
CA GLY C 99 -19.65 28.49 -2.60
C GLY C 99 -21.11 28.66 -2.98
N THR C 100 -21.97 28.52 -1.97
CA THR C 100 -23.41 28.69 -2.14
C THR C 100 -24.00 29.23 -0.84
N LYS C 101 -24.80 30.28 -0.96
CA LYS C 101 -25.40 30.95 0.19
C LYS C 101 -26.83 30.48 0.40
N VAL C 102 -27.17 30.22 1.66
CA VAL C 102 -28.53 29.84 2.04
C VAL C 102 -29.25 31.11 2.47
N THR C 103 -30.58 31.11 2.38
CA THR C 103 -31.38 32.26 2.75
C THR C 103 -32.64 31.81 3.48
N VAL C 104 -32.94 32.47 4.60
CA VAL C 104 -34.20 32.28 5.31
C VAL C 104 -34.89 33.63 5.47
N LEU C 105 -36.05 33.62 6.12
CA LEU C 105 -36.82 34.84 6.33
C LEU C 105 -36.11 35.79 7.29
N GLN D 1 10.44 -31.41 5.85
CA GLN D 1 10.62 -31.92 7.20
C GLN D 1 10.34 -30.84 8.23
N VAL D 2 10.19 -29.61 7.76
CA VAL D 2 10.03 -28.47 8.65
C VAL D 2 8.69 -28.55 9.37
N GLN D 3 8.70 -28.32 10.67
CA GLN D 3 7.50 -28.37 11.50
C GLN D 3 6.97 -26.96 11.70
N LEU D 4 5.97 -26.83 12.56
CA LEU D 4 5.28 -25.56 12.74
C LEU D 4 4.66 -25.52 14.12
N VAL D 5 4.83 -24.40 14.82
CA VAL D 5 4.36 -24.25 16.20
C VAL D 5 3.59 -22.95 16.32
N GLN D 6 2.84 -22.82 17.42
CA GLN D 6 2.02 -21.64 17.64
C GLN D 6 1.74 -21.50 19.14
N SER D 7 0.79 -20.65 19.48
CA SER D 7 0.44 -20.36 20.86
C SER D 7 -0.36 -21.51 21.47
N GLY D 8 -0.76 -21.34 22.72
CA GLY D 8 -1.49 -22.34 23.46
C GLY D 8 -2.99 -22.16 23.38
N ALA D 9 -3.68 -22.61 24.41
CA ALA D 9 -5.13 -22.55 24.48
C ALA D 9 -5.58 -21.31 25.25
N GLU D 10 -6.70 -20.73 24.82
CA GLU D 10 -7.25 -19.54 25.46
C GLU D 10 -8.74 -19.74 25.69
N VAL D 11 -9.20 -19.31 26.88
CA VAL D 11 -10.58 -19.50 27.32
C VAL D 11 -11.06 -18.07 27.55
N LYS D 12 -10.65 -17.17 26.65
CA LYS D 12 -10.90 -15.73 26.80
C LYS D 12 -12.40 -15.44 26.81
N ARG D 13 -12.76 -14.38 27.54
CA ARG D 13 -14.16 -14.02 27.76
C ARG D 13 -14.82 -13.60 26.45
N PRO D 14 -15.99 -14.15 26.11
CA PRO D 14 -16.67 -13.79 24.86
C PRO D 14 -17.11 -12.34 24.82
N GLY D 15 -17.61 -11.94 23.65
CA GLY D 15 -17.98 -10.57 23.40
C GLY D 15 -16.81 -9.62 23.38
N SER D 16 -15.70 -10.04 22.78
CA SER D 16 -14.47 -9.25 22.77
C SER D 16 -13.64 -9.69 21.55
N SER D 17 -12.38 -9.30 21.55
CA SER D 17 -11.45 -9.67 20.49
C SER D 17 -10.37 -10.59 21.05
N VAL D 18 -9.79 -11.40 20.17
CA VAL D 18 -8.79 -12.38 20.55
C VAL D 18 -7.62 -12.27 19.59
N LYS D 19 -6.43 -12.71 20.03
CA LYS D 19 -5.23 -12.74 19.21
C LYS D 19 -4.53 -14.08 19.41
N VAL D 20 -3.99 -14.63 18.33
CA VAL D 20 -3.22 -15.86 18.40
C VAL D 20 -2.11 -15.79 17.35
N SER D 21 -1.01 -16.48 17.60
CA SER D 21 0.15 -16.46 16.73
C SER D 21 0.39 -17.83 16.10
N CYS D 22 1.42 -17.89 15.27
CA CYS D 22 1.91 -19.13 14.66
C CYS D 22 3.36 -18.91 14.27
N LYS D 23 4.26 -19.74 14.80
CA LYS D 23 5.70 -19.55 14.63
C LYS D 23 6.25 -20.61 13.69
N ALA D 24 6.95 -20.16 12.64
CA ALA D 24 7.59 -21.07 11.71
C ALA D 24 8.86 -21.67 12.32
N SER D 25 9.39 -22.68 11.64
CA SER D 25 10.57 -23.39 12.16
C SER D 25 11.77 -23.21 11.24
N GLY D 26 11.52 -23.09 9.93
CA GLY D 26 12.62 -23.00 8.99
C GLY D 26 12.13 -22.62 7.61
N GLY D 27 13.10 -22.46 6.71
CA GLY D 27 12.82 -22.06 5.35
C GLY D 27 12.63 -20.57 5.23
N PRO D 28 12.54 -20.07 4.00
CA PRO D 28 12.24 -18.64 3.82
C PRO D 28 10.80 -18.34 4.19
N PHE D 29 10.62 -17.66 5.33
CA PHE D 29 9.28 -17.39 5.83
C PHE D 29 8.50 -16.46 4.91
N ARG D 30 9.16 -15.45 4.37
CA ARG D 30 8.44 -14.39 3.68
C ARG D 30 7.85 -14.86 2.36
N LYS D 31 8.64 -15.58 1.55
CA LYS D 31 8.16 -15.90 0.22
C LYS D 31 7.17 -17.06 0.22
N TYR D 32 7.03 -17.77 1.34
CA TYR D 32 5.97 -18.76 1.49
C TYR D 32 4.60 -18.08 1.62
N ALA D 33 3.56 -18.89 1.68
CA ALA D 33 2.17 -18.43 1.80
C ALA D 33 1.47 -19.25 2.87
N ILE D 34 1.25 -18.65 4.04
CA ILE D 34 0.65 -19.33 5.18
C ILE D 34 -0.86 -19.42 5.00
N SER D 35 -1.48 -20.46 5.55
CA SER D 35 -2.93 -20.56 5.52
C SER D 35 -3.48 -20.80 6.93
N TRP D 36 -4.79 -20.64 7.07
CA TRP D 36 -5.46 -20.77 8.36
C TRP D 36 -6.82 -21.41 8.17
N VAL D 37 -7.27 -22.16 9.17
CA VAL D 37 -8.52 -22.90 9.06
C VAL D 37 -9.04 -23.16 10.47
N ARG D 38 -10.35 -23.33 10.58
CA ARG D 38 -10.99 -23.70 11.84
C ARG D 38 -11.67 -25.04 11.71
N GLN D 39 -11.58 -25.83 12.77
CA GLN D 39 -12.38 -27.04 12.95
C GLN D 39 -13.40 -26.81 14.05
N ALA D 40 -14.66 -26.87 13.69
CA ALA D 40 -15.71 -26.81 14.68
C ALA D 40 -15.77 -28.14 15.44
N PRO D 41 -16.11 -28.11 16.73
CA PRO D 41 -16.28 -29.38 17.45
C PRO D 41 -17.40 -30.25 16.91
N GLY D 42 -18.43 -29.64 16.33
CA GLY D 42 -19.53 -30.40 15.79
C GLY D 42 -19.59 -30.40 14.27
N GLN D 43 -18.75 -29.60 13.62
CA GLN D 43 -18.77 -29.50 12.17
C GLN D 43 -17.36 -29.64 11.59
N GLY D 44 -17.22 -29.37 10.29
CA GLY D 44 -15.97 -29.64 9.60
C GLY D 44 -14.97 -28.50 9.59
N LEU D 45 -14.41 -28.22 8.42
CA LEU D 45 -13.37 -27.21 8.24
C LEU D 45 -13.95 -25.96 7.62
N GLU D 46 -13.48 -24.80 8.08
CA GLU D 46 -13.89 -23.52 7.50
C GLU D 46 -12.68 -22.62 7.32
N TRP D 47 -12.66 -21.92 6.19
CA TRP D 47 -11.47 -21.26 5.67
C TRP D 47 -11.42 -19.79 6.04
N MET D 48 -10.22 -19.29 6.34
CA MET D 48 -9.95 -17.86 6.41
C MET D 48 -8.45 -17.61 6.29
N GLY D 49 -8.10 -16.50 5.65
CA GLY D 49 -6.81 -15.85 5.86
C GLY D 49 -5.57 -16.42 5.18
N SER D 50 -4.78 -15.52 4.58
CA SER D 50 -3.48 -15.87 4.00
C SER D 50 -2.62 -14.63 3.93
N ASN D 51 -1.30 -14.85 3.99
CA ASN D 51 -0.34 -13.78 3.77
C ASN D 51 0.59 -14.20 2.64
N ILE D 52 1.06 -13.20 1.91
CA ILE D 52 1.81 -13.41 0.68
C ILE D 52 2.88 -12.33 0.59
N PRO D 53 4.06 -12.66 0.05
CA PRO D 53 5.11 -11.62 -0.09
C PRO D 53 4.74 -10.49 -1.02
N VAL D 54 3.80 -10.68 -1.95
CA VAL D 54 3.29 -9.59 -2.74
C VAL D 54 2.22 -8.78 -2.00
N PHE D 55 1.94 -9.15 -0.74
CA PHE D 55 1.23 -8.32 0.23
C PHE D 55 -0.18 -7.94 -0.22
N GLU D 56 -1.02 -8.96 -0.34
CA GLU D 56 -2.45 -8.65 -0.38
C GLU D 56 -3.10 -8.86 0.99
N ALA D 57 -2.77 -9.97 1.67
CA ALA D 57 -3.18 -10.24 3.05
C ALA D 57 -4.69 -10.14 3.27
N THR D 58 -5.47 -10.48 2.25
CA THR D 58 -6.88 -10.13 2.25
C THR D 58 -7.77 -11.27 1.76
N HIS D 59 -7.20 -12.37 1.27
CA HIS D 59 -8.02 -13.47 0.76
C HIS D 59 -8.75 -14.15 1.91
N TYR D 60 -9.96 -13.68 2.19
CA TYR D 60 -10.76 -14.11 3.32
C TYR D 60 -12.04 -14.74 2.82
N ALA D 61 -12.70 -15.47 3.71
CA ALA D 61 -14.02 -16.00 3.39
C ALA D 61 -15.04 -14.86 3.39
N PRO D 62 -16.02 -14.91 2.48
CA PRO D 62 -17.15 -13.97 2.60
C PRO D 62 -17.95 -14.16 3.87
N LYS D 63 -17.94 -15.38 4.44
CA LYS D 63 -18.57 -15.60 5.73
C LYS D 63 -17.87 -14.83 6.84
N PHE D 64 -16.57 -14.60 6.70
CA PHE D 64 -15.79 -13.90 7.71
C PHE D 64 -15.18 -12.60 7.18
N GLN D 65 -15.71 -12.10 6.06
CA GLN D 65 -15.21 -10.85 5.50
C GLN D 65 -15.60 -9.68 6.40
N GLY D 66 -14.60 -8.85 6.73
CA GLY D 66 -14.79 -7.79 7.69
C GLY D 66 -14.75 -8.23 9.12
N ARG D 67 -14.53 -9.51 9.39
CA ARG D 67 -14.47 -10.06 10.73
C ARG D 67 -13.07 -10.49 11.15
N VAL D 68 -12.32 -11.09 10.23
CA VAL D 68 -10.97 -11.56 10.51
C VAL D 68 -9.98 -10.73 9.71
N THR D 69 -8.74 -10.69 10.20
CA THR D 69 -7.69 -9.91 9.54
C THR D 69 -6.35 -10.49 9.94
N ILE D 70 -5.54 -10.88 8.96
CA ILE D 70 -4.19 -11.31 9.23
C ILE D 70 -3.28 -10.10 9.45
N THR D 71 -2.47 -10.18 10.50
CA THR D 71 -1.47 -9.17 10.84
C THR D 71 -0.12 -9.84 11.07
N ALA D 72 0.26 -10.70 10.13
CA ALA D 72 1.48 -11.49 10.26
C ALA D 72 2.72 -10.61 10.18
N ASP D 73 3.79 -11.05 10.87
CA ASP D 73 5.07 -10.37 10.84
C ASP D 73 6.10 -11.27 10.19
N ASP D 74 6.78 -10.76 9.16
CA ASP D 74 7.82 -11.53 8.48
C ASP D 74 9.11 -11.57 9.27
N SER D 75 9.42 -10.52 10.04
CA SER D 75 10.71 -10.43 10.72
C SER D 75 10.83 -11.48 11.81
N THR D 76 9.77 -11.71 12.58
CA THR D 76 9.77 -12.71 13.63
C THR D 76 9.32 -14.08 13.13
N SER D 77 8.99 -14.19 11.84
CA SER D 77 8.45 -15.41 11.22
C SER D 77 7.21 -15.89 11.95
N THR D 78 6.30 -14.97 12.24
CA THR D 78 5.10 -15.26 13.01
C THR D 78 3.86 -14.73 12.28
N ALA D 79 2.85 -15.58 12.17
CA ALA D 79 1.55 -15.18 11.64
C ALA D 79 0.57 -14.93 12.76
N TYR D 80 -0.27 -13.91 12.58
CA TYR D 80 -1.15 -13.43 13.65
C TYR D 80 -2.60 -13.40 13.17
N MET D 81 -3.48 -14.03 13.96
CA MET D 81 -4.92 -13.97 13.78
C MET D 81 -5.57 -13.13 14.87
N GLU D 82 -6.44 -12.23 14.43
CA GLU D 82 -7.38 -11.53 15.30
C GLU D 82 -8.79 -12.02 14.99
N LEU D 83 -9.73 -11.58 15.81
CA LEU D 83 -11.15 -11.82 15.56
C LEU D 83 -11.92 -10.62 16.07
N SER D 84 -12.90 -10.15 15.28
CA SER D 84 -13.62 -8.93 15.63
C SER D 84 -14.48 -9.13 16.88
N SER D 85 -15.28 -10.18 16.92
CA SER D 85 -16.19 -10.44 18.03
C SER D 85 -16.22 -11.93 18.33
N LEU D 86 -16.26 -12.27 19.61
CA LEU D 86 -16.30 -13.66 20.03
C LEU D 86 -17.74 -14.13 20.12
N ARG D 87 -18.06 -15.21 19.41
CA ARG D 87 -19.42 -15.71 19.29
C ARG D 87 -19.36 -17.23 19.52
N SER D 88 -20.52 -17.90 19.53
CA SER D 88 -20.56 -19.33 19.88
C SER D 88 -19.80 -20.18 18.87
N GLU D 89 -20.00 -19.94 17.57
CA GLU D 89 -19.26 -20.68 16.56
C GLU D 89 -17.77 -20.36 16.53
N ASP D 90 -17.34 -19.33 17.26
CA ASP D 90 -15.93 -19.08 17.45
C ASP D 90 -15.31 -19.97 18.52
N THR D 91 -16.08 -20.92 19.08
CA THR D 91 -15.54 -21.94 19.96
C THR D 91 -14.76 -23.01 19.22
N ALA D 92 -14.67 -22.93 17.90
CA ALA D 92 -13.91 -23.86 17.07
C ALA D 92 -12.42 -23.77 17.38
N VAL D 93 -11.72 -24.88 17.16
CA VAL D 93 -10.27 -24.88 17.29
C VAL D 93 -9.66 -24.36 15.99
N TYR D 94 -8.44 -23.86 16.09
CA TYR D 94 -7.81 -23.16 14.99
C TYR D 94 -6.56 -23.91 14.54
N TYR D 95 -6.13 -23.63 13.31
CA TYR D 95 -4.98 -24.27 12.72
C TYR D 95 -4.32 -23.33 11.72
N CYS D 96 -2.99 -23.26 11.79
CA CYS D 96 -2.17 -22.62 10.78
C CYS D 96 -1.44 -23.71 9.99
N ALA D 97 -1.43 -23.58 8.67
CA ALA D 97 -1.05 -24.67 7.79
C ALA D 97 -0.09 -24.20 6.70
N ARG D 98 0.76 -25.16 6.28
CA ARG D 98 1.94 -24.92 5.46
C ARG D 98 2.02 -25.94 4.33
N GLY D 99 2.45 -25.48 3.15
CA GLY D 99 2.65 -26.34 2.01
C GLY D 99 3.97 -26.04 1.32
N GLU D 100 4.30 -26.86 0.33
CA GLU D 100 5.58 -26.74 -0.37
C GLU D 100 5.48 -25.94 -1.66
N THR D 101 4.32 -25.40 -1.98
CA THR D 101 4.23 -24.46 -3.09
C THR D 101 5.07 -23.24 -2.76
N VAL D 102 5.85 -22.80 -3.75
CA VAL D 102 6.81 -21.72 -3.48
C VAL D 102 6.08 -20.41 -3.21
N VAL D 103 4.98 -20.14 -3.91
CA VAL D 103 4.19 -18.95 -3.67
C VAL D 103 2.69 -19.21 -3.65
N ALA D 104 2.22 -20.35 -4.16
CA ALA D 104 0.79 -20.59 -4.24
C ALA D 104 0.19 -20.89 -2.87
N THR D 105 -1.08 -20.52 -2.72
CA THR D 105 -1.88 -20.89 -1.57
C THR D 105 -2.73 -22.12 -1.84
N ALA D 106 -2.41 -22.86 -2.90
CA ALA D 106 -3.30 -23.90 -3.40
C ALA D 106 -3.22 -25.18 -2.56
N THR D 107 -2.05 -25.80 -2.51
CA THR D 107 -1.86 -27.10 -1.88
C THR D 107 -1.15 -26.92 -0.55
N LEU D 108 -1.68 -27.56 0.50
CA LEU D 108 -1.16 -27.41 1.85
C LEU D 108 -0.97 -28.80 2.45
N ASP D 109 0.17 -29.06 3.10
CA ASP D 109 0.29 -30.36 3.75
C ASP D 109 0.72 -30.31 5.22
N TYR D 110 1.48 -29.30 5.61
CA TYR D 110 1.95 -29.21 6.99
C TYR D 110 0.92 -28.45 7.81
N TRP D 111 0.88 -28.75 9.10
CA TRP D 111 -0.08 -28.14 10.02
C TRP D 111 0.59 -27.87 11.34
N GLY D 112 -0.09 -27.08 12.18
CA GLY D 112 0.30 -26.90 13.55
C GLY D 112 -0.30 -27.98 14.45
N GLN D 113 -0.09 -27.81 15.74
CA GLN D 113 -0.64 -28.70 16.76
C GLN D 113 -2.07 -28.35 17.14
N GLY D 114 -2.62 -27.29 16.58
CA GLY D 114 -3.94 -26.81 16.94
C GLY D 114 -3.92 -25.90 18.16
N THR D 115 -4.95 -25.05 18.25
CA THR D 115 -5.17 -24.20 19.41
C THR D 115 -6.61 -24.34 19.86
N LEU D 116 -6.81 -24.58 21.15
CA LEU D 116 -8.14 -24.69 21.73
C LEU D 116 -8.62 -23.28 22.08
N VAL D 117 -9.55 -22.77 21.30
CA VAL D 117 -10.11 -21.43 21.52
C VAL D 117 -11.60 -21.60 21.75
N THR D 118 -12.02 -21.53 23.01
CA THR D 118 -13.42 -21.62 23.38
C THR D 118 -13.79 -20.40 24.20
N VAL D 119 -15.05 -19.98 24.08
CA VAL D 119 -15.56 -18.81 24.81
C VAL D 119 -16.81 -19.22 25.56
N SER D 120 -16.91 -18.79 26.81
CA SER D 120 -18.03 -19.18 27.66
C SER D 120 -18.17 -18.19 28.81
N SER D 121 -19.34 -18.24 29.45
CA SER D 121 -19.60 -17.42 30.62
C SER D 121 -18.80 -17.90 31.82
N ASP E 1 -17.27 -20.06 -1.85
CA ASP E 1 -17.96 -19.42 -2.95
C ASP E 1 -18.95 -20.38 -3.62
N ILE E 2 -18.63 -21.66 -3.57
CA ILE E 2 -19.48 -22.71 -4.10
C ILE E 2 -20.16 -23.42 -2.93
N GLN E 3 -21.40 -23.84 -3.13
CA GLN E 3 -22.07 -24.75 -2.20
C GLN E 3 -21.49 -26.15 -2.44
N MET E 4 -20.28 -26.35 -1.93
CA MET E 4 -19.58 -27.61 -2.13
C MET E 4 -20.22 -28.70 -1.27
N THR E 5 -20.48 -29.86 -1.87
CA THR E 5 -21.18 -30.92 -1.18
C THR E 5 -20.44 -32.24 -1.32
N GLN E 6 -20.77 -33.16 -0.42
CA GLN E 6 -20.08 -34.43 -0.27
C GLN E 6 -21.08 -35.56 -0.43
N SER E 7 -20.73 -36.58 -1.19
CA SER E 7 -21.64 -37.68 -1.51
C SER E 7 -21.01 -39.04 -1.24
N PRO E 8 -21.29 -39.68 -0.09
CA PRO E 8 -22.10 -39.21 1.03
C PRO E 8 -21.26 -38.68 2.17
N SER E 9 -21.89 -38.22 3.25
CA SER E 9 -21.18 -37.67 4.40
C SER E 9 -20.77 -38.73 5.41
N SER E 10 -21.23 -39.98 5.25
CA SER E 10 -20.86 -41.04 6.17
C SER E 10 -20.84 -42.36 5.43
N LEU E 11 -19.89 -43.22 5.79
CA LEU E 11 -19.68 -44.49 5.13
C LEU E 11 -19.69 -45.61 6.15
N SER E 12 -20.02 -46.82 5.67
CA SER E 12 -20.01 -48.03 6.48
C SER E 12 -19.17 -49.07 5.75
N ALA E 13 -18.21 -49.67 6.47
CA ALA E 13 -17.29 -50.59 5.83
C ALA E 13 -16.73 -51.57 6.86
N SER E 14 -16.40 -52.77 6.39
CA SER E 14 -15.73 -53.77 7.19
C SER E 14 -14.23 -53.72 6.90
N VAL E 15 -13.48 -54.71 7.41
CA VAL E 15 -12.04 -54.74 7.21
C VAL E 15 -11.70 -55.14 5.79
N GLY E 16 -10.74 -54.43 5.19
CA GLY E 16 -10.27 -54.75 3.86
C GLY E 16 -11.26 -54.52 2.74
N ASP E 17 -12.29 -53.72 2.97
CA ASP E 17 -13.35 -53.58 1.98
C ASP E 17 -12.92 -52.71 0.81
N ARG E 18 -13.49 -53.01 -0.36
CA ARG E 18 -13.29 -52.22 -1.57
C ARG E 18 -14.19 -50.98 -1.51
N VAL E 19 -13.65 -49.94 -0.87
CA VAL E 19 -14.45 -48.74 -0.60
C VAL E 19 -14.07 -47.64 -1.59
N THR E 20 -15.03 -46.76 -1.85
CA THR E 20 -14.90 -45.71 -2.85
C THR E 20 -15.71 -44.51 -2.42
N ILE E 21 -15.16 -43.31 -2.59
CA ILE E 21 -15.80 -42.08 -2.16
C ILE E 21 -15.83 -41.10 -3.33
N ARG E 22 -16.92 -40.33 -3.40
CA ARG E 22 -17.21 -39.40 -4.48
C ARG E 22 -17.41 -38.01 -3.86
N CYS E 23 -16.67 -37.01 -4.30
CA CYS E 23 -17.07 -35.66 -3.94
C CYS E 23 -17.40 -34.84 -5.19
N GLN E 24 -18.46 -34.04 -5.07
CA GLN E 24 -19.35 -33.78 -6.19
C GLN E 24 -18.71 -32.89 -7.25
N ALA E 25 -18.06 -31.80 -6.83
CA ALA E 25 -17.33 -30.88 -7.71
C ALA E 25 -18.26 -30.26 -8.77
N SER E 26 -19.20 -29.45 -8.28
CA SER E 26 -20.17 -28.80 -9.16
C SER E 26 -19.49 -27.88 -10.16
N GLN E 27 -18.54 -27.07 -9.72
CA GLN E 27 -17.79 -26.21 -10.62
C GLN E 27 -16.82 -27.05 -11.43
N ASP E 28 -16.84 -26.89 -12.75
CA ASP E 28 -16.00 -27.69 -13.63
C ASP E 28 -14.55 -27.30 -13.47
N ILE E 29 -13.70 -28.29 -13.17
CA ILE E 29 -12.27 -28.07 -12.97
C ILE E 29 -11.51 -29.07 -13.83
N THR E 30 -10.19 -28.90 -13.86
CA THR E 30 -9.29 -29.85 -14.51
C THR E 30 -8.29 -30.30 -13.44
N ASN E 31 -8.57 -31.47 -12.86
CA ASN E 31 -7.90 -32.13 -11.72
C ASN E 31 -7.45 -31.14 -10.64
N TYR E 32 -8.27 -30.16 -10.31
CA TYR E 32 -7.95 -29.17 -9.30
C TYR E 32 -8.50 -29.59 -7.94
N LEU E 33 -8.19 -30.81 -7.53
CA LEU E 33 -8.76 -31.36 -6.32
C LEU E 33 -7.64 -31.98 -5.48
N ASN E 34 -7.72 -31.78 -4.17
CA ASN E 34 -6.85 -32.47 -3.23
C ASN E 34 -7.71 -33.16 -2.18
N TRP E 35 -7.21 -34.30 -1.69
CA TRP E 35 -7.86 -35.00 -0.60
C TRP E 35 -7.05 -34.86 0.69
N TYR E 36 -7.71 -35.14 1.81
CA TYR E 36 -7.16 -34.79 3.11
C TYR E 36 -7.60 -35.78 4.18
N GLN E 37 -6.65 -36.16 5.02
CA GLN E 37 -6.85 -36.97 6.21
C GLN E 37 -7.26 -36.07 7.38
N GLN E 38 -8.06 -36.63 8.28
CA GLN E 38 -8.22 -36.03 9.61
C GLN E 38 -8.54 -37.16 10.58
N LYS E 39 -7.57 -37.52 11.40
CA LYS E 39 -7.83 -38.34 12.56
C LYS E 39 -8.51 -37.49 13.62
N PRO E 40 -9.52 -38.01 14.33
CA PRO E 40 -10.22 -37.20 15.33
C PRO E 40 -9.34 -36.85 16.51
N GLY E 41 -9.15 -35.55 16.72
CA GLY E 41 -8.35 -35.06 17.82
C GLY E 41 -6.92 -34.71 17.49
N LYS E 42 -6.49 -34.85 16.24
CA LYS E 42 -5.14 -34.53 15.82
C LYS E 42 -5.15 -33.58 14.63
N ALA E 43 -3.96 -33.24 14.17
CA ALA E 43 -3.80 -32.37 13.02
C ALA E 43 -4.24 -33.10 11.75
N PRO E 44 -4.68 -32.37 10.73
CA PRO E 44 -5.01 -33.01 9.46
C PRO E 44 -3.76 -33.46 8.71
N LYS E 45 -3.99 -34.09 7.57
CA LYS E 45 -2.92 -34.61 6.74
C LYS E 45 -3.47 -34.77 5.32
N LEU E 46 -2.58 -34.78 4.33
CA LEU E 46 -2.98 -34.91 2.94
C LEU E 46 -2.58 -36.28 2.41
N LEU E 47 -3.39 -36.81 1.49
CA LEU E 47 -3.10 -38.10 0.87
C LEU E 47 -2.65 -37.94 -0.58
N ILE E 48 -3.47 -37.30 -1.41
CA ILE E 48 -3.20 -37.16 -2.83
C ILE E 48 -3.34 -35.68 -3.20
N PHE E 49 -2.38 -35.17 -3.95
CA PHE E 49 -2.45 -33.80 -4.43
C PHE E 49 -2.68 -33.83 -5.94
N ASP E 50 -3.42 -32.81 -6.41
CA ASP E 50 -3.87 -32.64 -7.79
C ASP E 50 -4.80 -33.77 -8.24
N ALA E 51 -5.31 -34.56 -7.30
CA ALA E 51 -6.21 -35.69 -7.50
C ALA E 51 -5.65 -36.75 -8.44
N SER E 52 -4.34 -36.76 -8.67
CA SER E 52 -3.72 -37.65 -9.64
C SER E 52 -2.62 -38.50 -9.05
N ASN E 53 -1.71 -37.90 -8.27
CA ASN E 53 -0.49 -38.56 -7.85
C ASN E 53 -0.28 -38.51 -6.34
N LEU E 54 0.31 -39.58 -5.81
CA LEU E 54 0.42 -39.79 -4.38
C LEU E 54 1.40 -38.81 -3.75
N ALA E 55 1.18 -38.50 -2.47
CA ALA E 55 2.03 -37.60 -1.71
C ALA E 55 2.71 -38.36 -0.58
N THR E 56 3.97 -38.01 -0.33
CA THR E 56 4.85 -38.53 0.73
C THR E 56 4.94 -40.05 0.56
N GLY E 57 4.86 -40.83 1.64
CA GLY E 57 5.06 -42.26 1.56
C GLY E 57 3.89 -43.09 2.06
N VAL E 58 2.67 -42.62 1.84
CA VAL E 58 1.48 -43.40 2.18
C VAL E 58 1.38 -44.53 1.16
N PRO E 59 0.78 -45.68 1.52
CA PRO E 59 0.72 -46.80 0.59
C PRO E 59 -0.13 -46.50 -0.64
N SER E 60 0.13 -47.26 -1.71
CA SER E 60 -0.48 -47.04 -3.01
C SER E 60 -1.94 -47.46 -3.08
N ARG E 61 -2.48 -48.08 -2.03
CA ARG E 61 -3.89 -48.47 -1.99
C ARG E 61 -4.83 -47.27 -2.10
N PHE E 62 -4.36 -46.09 -1.70
CA PHE E 62 -5.12 -44.86 -1.83
C PHE E 62 -4.94 -44.33 -3.26
N SER E 63 -6.00 -44.39 -4.06
CA SER E 63 -5.93 -43.95 -5.45
C SER E 63 -7.25 -43.32 -5.85
N GLY E 64 -7.17 -42.35 -6.77
CA GLY E 64 -8.35 -41.71 -7.31
C GLY E 64 -8.03 -41.09 -8.64
N SER E 65 -9.03 -41.01 -9.52
CA SER E 65 -8.82 -40.56 -10.89
C SER E 65 -9.44 -39.20 -11.16
N GLY E 66 -10.74 -39.05 -10.96
CA GLY E 66 -11.39 -37.77 -11.17
C GLY E 66 -11.40 -37.27 -12.60
N SER E 67 -10.57 -36.25 -12.87
CA SER E 67 -10.28 -35.74 -14.22
C SER E 67 -11.53 -35.21 -14.92
N GLY E 68 -12.02 -34.08 -14.41
CA GLY E 68 -13.15 -33.42 -15.04
C GLY E 68 -14.14 -32.80 -14.07
N THR E 69 -15.39 -33.24 -14.15
CA THR E 69 -16.40 -32.85 -13.16
C THR E 69 -16.59 -33.93 -12.10
N ASP E 70 -16.67 -35.19 -12.51
CA ASP E 70 -16.75 -36.29 -11.57
C ASP E 70 -15.40 -36.52 -10.90
N PHE E 71 -15.41 -36.71 -9.59
CA PHE E 71 -14.18 -36.89 -8.82
C PHE E 71 -14.40 -37.93 -7.73
N THR E 72 -13.64 -39.02 -7.84
CA THR E 72 -13.75 -40.19 -6.99
C THR E 72 -12.37 -40.59 -6.49
N PHE E 73 -12.36 -41.41 -5.44
CA PHE E 73 -11.13 -41.78 -4.75
C PHE E 73 -11.37 -43.06 -3.97
N THR E 74 -10.42 -44.00 -4.02
CA THR E 74 -10.64 -45.28 -3.39
C THR E 74 -9.51 -45.66 -2.45
N ILE E 75 -9.82 -46.61 -1.56
CA ILE E 75 -8.86 -47.16 -0.62
C ILE E 75 -8.64 -48.65 -0.87
N SER E 76 -9.73 -49.39 -1.13
CA SER E 76 -9.75 -50.80 -1.52
C SER E 76 -9.32 -51.76 -0.40
N SER E 77 -8.92 -51.23 0.75
CA SER E 77 -8.48 -52.03 1.88
C SER E 77 -8.43 -51.15 3.12
N LEU E 78 -9.04 -51.62 4.21
CA LEU E 78 -9.17 -50.86 5.46
C LEU E 78 -8.80 -51.80 6.61
N GLN E 79 -7.52 -51.84 6.96
CA GLN E 79 -7.03 -52.84 7.90
C GLN E 79 -6.84 -52.31 9.32
N ALA E 80 -5.97 -51.33 9.51
CA ALA E 80 -5.54 -50.96 10.85
C ALA E 80 -5.83 -49.52 11.22
N GLU E 81 -5.36 -48.56 10.43
CA GLU E 81 -5.30 -47.17 10.86
C GLU E 81 -5.99 -46.20 9.91
N ASP E 82 -6.55 -46.69 8.80
CA ASP E 82 -7.17 -45.82 7.81
C ASP E 82 -8.49 -45.24 8.28
N ILE E 83 -9.03 -45.71 9.42
CA ILE E 83 -10.36 -45.37 9.87
C ILE E 83 -10.34 -43.97 10.50
N ALA E 84 -10.71 -42.96 9.71
CA ALA E 84 -10.76 -41.57 10.15
C ALA E 84 -11.63 -40.80 9.16
N THR E 85 -11.61 -39.48 9.26
CA THR E 85 -12.45 -38.63 8.42
C THR E 85 -11.65 -38.11 7.22
N TYR E 86 -12.35 -37.94 6.09
CA TYR E 86 -11.72 -37.54 4.84
C TYR E 86 -12.35 -36.26 4.33
N PHE E 87 -11.53 -35.46 3.63
CA PHE E 87 -11.97 -34.20 3.05
C PHE E 87 -11.44 -34.10 1.63
N CYS E 88 -12.11 -33.26 0.82
CA CYS E 88 -11.52 -32.84 -0.45
C CYS E 88 -11.72 -31.34 -0.58
N GLN E 89 -10.71 -30.66 -1.15
CA GLN E 89 -10.67 -29.20 -1.21
C GLN E 89 -10.45 -28.71 -2.64
N GLN E 90 -10.84 -27.45 -2.88
CA GLN E 90 -11.05 -26.92 -4.21
C GLN E 90 -10.06 -25.80 -4.51
N TYR E 91 -9.48 -25.81 -5.72
CA TYR E 91 -8.56 -24.74 -6.11
C TYR E 91 -9.31 -23.55 -6.69
N ASP E 92 -10.26 -23.80 -7.60
CA ASP E 92 -10.78 -22.75 -8.48
C ASP E 92 -11.46 -21.64 -7.70
N ASP E 93 -12.41 -21.99 -6.86
CA ASP E 93 -12.72 -21.14 -5.73
C ASP E 93 -11.59 -21.35 -4.74
N PRO E 94 -10.93 -20.27 -4.25
CA PRO E 94 -9.55 -20.35 -3.74
C PRO E 94 -9.29 -21.42 -2.69
N LEU E 95 -9.96 -21.35 -1.56
CA LEU E 95 -9.81 -22.34 -0.50
C LEU E 95 -11.18 -22.65 0.07
N THR E 96 -11.78 -23.75 -0.37
CA THR E 96 -12.99 -24.27 0.24
C THR E 96 -12.91 -25.78 0.25
N PHE E 97 -13.69 -26.38 1.14
CA PHE E 97 -13.55 -27.78 1.49
C PHE E 97 -14.85 -28.53 1.27
N GLY E 98 -14.75 -29.85 1.23
CA GLY E 98 -15.91 -30.70 1.09
C GLY E 98 -16.67 -30.84 2.40
N GLY E 99 -17.77 -31.59 2.33
CA GLY E 99 -18.59 -31.79 3.51
C GLY E 99 -17.95 -32.69 4.54
N GLY E 100 -17.03 -33.53 4.12
CA GLY E 100 -16.39 -34.47 5.03
C GLY E 100 -17.11 -35.79 5.12
N THR E 101 -16.35 -36.88 5.25
CA THR E 101 -16.92 -38.22 5.28
C THR E 101 -16.62 -38.86 6.63
N LYS E 102 -17.57 -39.65 7.11
CA LYS E 102 -17.44 -40.38 8.37
C LYS E 102 -17.56 -41.86 8.04
N VAL E 103 -16.43 -42.48 7.69
CA VAL E 103 -16.41 -43.92 7.50
C VAL E 103 -16.34 -44.60 8.87
N GLU E 104 -16.98 -45.75 8.99
CA GLU E 104 -16.98 -46.51 10.22
C GLU E 104 -16.52 -47.94 9.93
N ILE E 105 -15.91 -48.57 10.93
CA ILE E 105 -15.47 -49.94 10.79
C ILE E 105 -16.56 -50.90 11.27
N GLN E 106 -16.98 -51.80 10.38
CA GLN E 106 -18.04 -52.74 10.70
C GLN E 106 -17.47 -54.11 11.07
#